data_3NMX
#
_entry.id   3NMX
#
_cell.length_a   147.790
_cell.length_b   92.180
_cell.length_c   107.840
_cell.angle_alpha   90.000
_cell.angle_beta   93.770
_cell.angle_gamma   90.000
#
_symmetry.space_group_name_H-M   'C 1 2 1'
#
loop_
_entity.id
_entity.type
_entity.pdbx_description
1 polymer 'APC variant protein'
2 polymer 'Rho guanine nucleotide exchange factor 4'
3 water water
#
loop_
_entity_poly.entity_id
_entity_poly.type
_entity_poly.pdbx_seq_one_letter_code
_entity_poly.pdbx_strand_id
1 'polypeptide(L)'
;MGHHHHHHMLHLLEQIRAYCETCWEWQEAHEPGMDQDKNPMPAPVEHQICPAVCVLMKLSFDEEHRHAMNELGGLQAIAE
LLQVDCEMYGLTNDHYSITLRRYAGMALTNLTFGDVANKATLCSMKGCMRALVAQLKSESEDLQQVIASVLRNLSWRADV
NSKKTLREVGSVKALMECALEVKKESTLKSVLSALWNLSAHCTENKADICAVDGALAFLVGTLTYRSQTNTLAIIESGGG
ILRNVSSLIATNEDHRQILRENNCLQTLLQHLKSHSLTIVSNACGTLWNLSARNPKDQEALWDMGAVSMLKNLIHSKHKM
IAMGSAAALRNLMANRPAKYKDANIMSPGSSLPS
;
A,B,C
2 'polypeptide(L)' SSSHHYSHPGGGGEQLAINELISDG D,E,F
#
# COMPACT_ATOMS: atom_id res chain seq x y z
N HIS A 6 -11.70 -48.90 15.99
CA HIS A 6 -10.21 -49.02 16.06
C HIS A 6 -9.73 -50.24 15.28
N HIS A 7 -10.09 -51.43 15.76
CA HIS A 7 -9.78 -52.68 15.08
C HIS A 7 -10.49 -52.74 13.73
N HIS A 8 -11.76 -52.37 13.72
CA HIS A 8 -12.56 -52.32 12.50
C HIS A 8 -12.07 -51.20 11.58
N MET A 9 -11.65 -50.08 12.16
CA MET A 9 -11.12 -48.95 11.41
C MET A 9 -9.81 -49.33 10.69
N LEU A 10 -8.93 -50.04 11.40
CA LEU A 10 -7.68 -50.53 10.82
C LEU A 10 -7.96 -51.52 9.69
N HIS A 11 -8.97 -52.36 9.88
CA HIS A 11 -9.39 -53.32 8.86
C HIS A 11 -9.86 -52.63 7.58
N LEU A 12 -10.68 -51.60 7.72
CA LEU A 12 -11.24 -50.86 6.59
C LEU A 12 -10.18 -50.09 5.81
N LEU A 13 -9.21 -49.52 6.52
CA LEU A 13 -8.13 -48.75 5.90
C LEU A 13 -7.13 -49.65 5.20
N GLU A 14 -6.89 -50.83 5.76
CA GLU A 14 -6.06 -51.86 5.11
C GLU A 14 -6.71 -52.39 3.84
N GLN A 15 -8.05 -52.52 3.85
CA GLN A 15 -8.82 -52.88 2.66
C GLN A 15 -8.63 -51.87 1.53
N ILE A 16 -8.71 -50.58 1.89
CA ILE A 16 -8.61 -49.48 0.94
C ILE A 16 -7.20 -49.33 0.38
N ARG A 17 -6.20 -49.45 1.26
CA ARG A 17 -4.80 -49.40 0.86
C ARG A 17 -4.47 -50.56 -0.08
N ALA A 18 -4.93 -51.76 0.28
CA ALA A 18 -4.73 -52.96 -0.56
C ALA A 18 -5.30 -52.77 -1.96
N TYR A 19 -6.51 -52.20 -2.02
CA TYR A 19 -7.15 -51.92 -3.31
C TYR A 19 -6.35 -50.90 -4.13
N CYS A 20 -5.91 -49.83 -3.48
CA CYS A 20 -5.07 -48.81 -4.11
C CYS A 20 -3.81 -49.41 -4.72
N GLU A 21 -3.15 -50.27 -3.95
CA GLU A 21 -1.93 -50.94 -4.37
C GLU A 21 -2.16 -51.86 -5.58
N THR A 22 -3.31 -52.53 -5.59
CA THR A 22 -3.73 -53.36 -6.73
C THR A 22 -3.94 -52.51 -7.98
N CYS A 23 -4.50 -51.31 -7.79
CA CYS A 23 -4.77 -50.38 -8.88
C CYS A 23 -3.49 -49.74 -9.43
N TRP A 24 -2.52 -49.45 -8.56
CA TRP A 24 -1.23 -48.90 -8.99
C TRP A 24 -0.41 -49.94 -9.76
N GLU A 25 -0.57 -51.19 -9.37
CA GLU A 25 0.04 -52.32 -10.05
C GLU A 25 -0.50 -52.43 -11.48
N TRP A 26 -1.81 -52.22 -11.63
CA TRP A 26 -2.46 -52.25 -12.94
C TRP A 26 -2.05 -51.05 -13.81
N GLN A 27 -2.02 -49.86 -13.20
CA GLN A 27 -1.67 -48.62 -13.90
C GLN A 27 -0.28 -48.67 -14.54
N GLU A 28 0.69 -49.27 -13.84
CA GLU A 28 2.05 -49.38 -14.34
C GLU A 28 2.21 -50.47 -15.38
N ALA A 29 1.46 -51.56 -15.21
CA ALA A 29 1.50 -52.70 -16.14
C ALA A 29 0.81 -52.39 -17.48
N HIS A 30 -0.14 -51.46 -17.45
CA HIS A 30 -0.86 -51.09 -18.66
C HIS A 30 -0.01 -50.21 -19.58
N ASN A 39 -3.98 -59.61 -17.07
CA ASN A 39 -4.06 -58.56 -16.06
C ASN A 39 -5.30 -57.67 -16.23
N PRO A 40 -6.45 -58.12 -15.71
CA PRO A 40 -7.72 -57.39 -15.88
C PRO A 40 -7.84 -56.16 -14.99
N MET A 41 -8.59 -55.17 -15.46
CA MET A 41 -8.80 -53.92 -14.73
C MET A 41 -9.59 -54.16 -13.44
N PRO A 42 -9.03 -53.71 -12.29
CA PRO A 42 -9.68 -53.88 -11.00
C PRO A 42 -10.95 -53.04 -10.88
N ALA A 43 -12.05 -53.68 -10.49
CA ALA A 43 -13.32 -53.01 -10.27
C ALA A 43 -13.58 -52.89 -8.77
N PRO A 44 -14.03 -51.71 -8.31
CA PRO A 44 -14.27 -51.45 -6.89
C PRO A 44 -15.34 -52.35 -6.28
N VAL A 45 -16.36 -52.69 -7.06
CA VAL A 45 -17.46 -53.57 -6.63
C VAL A 45 -16.91 -54.92 -6.16
N GLU A 46 -15.92 -55.44 -6.88
CA GLU A 46 -15.37 -56.77 -6.66
C GLU A 46 -14.53 -56.85 -5.37
N HIS A 47 -14.13 -55.70 -4.85
CA HIS A 47 -13.34 -55.62 -3.63
C HIS A 47 -14.13 -55.04 -2.45
N GLN A 48 -15.44 -54.87 -2.64
CA GLN A 48 -16.33 -54.26 -1.64
C GLN A 48 -15.75 -52.96 -1.07
N ILE A 49 -15.30 -52.08 -1.97
CA ILE A 49 -14.64 -50.84 -1.55
C ILE A 49 -15.63 -49.77 -1.06
N CYS A 50 -16.79 -49.68 -1.70
CA CYS A 50 -17.79 -48.67 -1.34
C CYS A 50 -18.34 -48.81 0.09
N PRO A 51 -18.67 -50.04 0.54
CA PRO A 51 -19.03 -50.23 1.95
C PRO A 51 -17.92 -49.81 2.92
N ALA A 52 -16.66 -50.00 2.53
CA ALA A 52 -15.52 -49.59 3.36
C ALA A 52 -15.44 -48.07 3.55
N VAL A 53 -15.45 -47.30 2.45
CA VAL A 53 -15.45 -45.83 2.57
C VAL A 53 -16.71 -45.28 3.20
N CYS A 54 -17.82 -45.98 3.00
CA CYS A 54 -19.09 -45.64 3.62
C CYS A 54 -18.96 -45.57 5.13
N VAL A 55 -18.40 -46.62 5.73
CA VAL A 55 -18.26 -46.71 7.19
C VAL A 55 -17.26 -45.65 7.68
N LEU A 56 -16.18 -45.47 6.93
CA LEU A 56 -15.18 -44.46 7.28
C LEU A 56 -15.75 -43.05 7.17
N MET A 57 -16.61 -42.82 6.18
CA MET A 57 -17.36 -41.56 6.07
C MET A 57 -18.19 -41.32 7.33
N LYS A 58 -18.95 -42.33 7.76
CA LYS A 58 -19.80 -42.24 8.95
C LYS A 58 -18.99 -41.93 10.20
N LEU A 59 -17.95 -42.72 10.45
CA LEU A 59 -17.08 -42.56 11.62
C LEU A 59 -16.36 -41.21 11.67
N SER A 60 -16.06 -40.64 10.51
CA SER A 60 -15.31 -39.37 10.44
C SER A 60 -16.10 -38.14 10.91
N PHE A 61 -17.37 -38.31 11.25
CA PHE A 61 -18.17 -37.23 11.86
C PHE A 61 -17.88 -37.05 13.36
N ASP A 62 -17.32 -38.09 13.97
CA ASP A 62 -16.94 -38.06 15.38
C ASP A 62 -15.48 -37.66 15.54
N GLU A 63 -15.22 -36.74 16.46
CA GLU A 63 -13.90 -36.16 16.67
C GLU A 63 -12.85 -37.20 17.09
N GLU A 64 -13.23 -38.09 18.00
CA GLU A 64 -12.33 -39.12 18.51
C GLU A 64 -12.01 -40.19 17.48
N HIS A 65 -12.97 -40.52 16.62
CA HIS A 65 -12.70 -41.45 15.51
C HIS A 65 -11.74 -40.83 14.49
N ARG A 66 -11.89 -39.53 14.25
CA ARG A 66 -10.97 -38.80 13.36
C ARG A 66 -9.54 -38.85 13.89
N HIS A 67 -9.40 -38.76 15.21
CA HIS A 67 -8.10 -38.82 15.87
C HIS A 67 -7.41 -40.15 15.60
N ALA A 68 -8.16 -41.24 15.73
CA ALA A 68 -7.67 -42.57 15.42
C ALA A 68 -7.41 -42.72 13.92
N MET A 69 -8.32 -42.21 13.12
CA MET A 69 -8.22 -42.26 11.66
C MET A 69 -6.96 -41.57 11.14
N ASN A 70 -6.63 -40.41 11.72
CA ASN A 70 -5.41 -39.67 11.38
C ASN A 70 -4.13 -40.43 11.73
N GLU A 71 -4.13 -41.08 12.89
CA GLU A 71 -2.98 -41.89 13.33
C GLU A 71 -2.78 -43.12 12.46
N LEU A 72 -3.84 -43.52 11.75
CA LEU A 72 -3.79 -44.64 10.83
C LEU A 72 -3.65 -44.19 9.37
N GLY A 73 -3.38 -42.90 9.16
CA GLY A 73 -3.16 -42.34 7.83
C GLY A 73 -4.39 -42.33 6.95
N GLY A 74 -5.55 -42.09 7.56
CA GLY A 74 -6.82 -42.06 6.85
C GLY A 74 -6.88 -41.09 5.69
N LEU A 75 -6.24 -39.92 5.84
CA LEU A 75 -6.21 -38.92 4.78
C LEU A 75 -5.53 -39.45 3.51
N GLN A 76 -4.38 -40.09 3.68
CA GLN A 76 -3.62 -40.66 2.57
C GLN A 76 -4.40 -41.75 1.85
N ALA A 77 -4.91 -42.72 2.61
CA ALA A 77 -5.63 -43.86 2.04
C ALA A 77 -6.87 -43.43 1.26
N ILE A 78 -7.67 -42.55 1.86
CA ILE A 78 -8.94 -42.10 1.28
C ILE A 78 -8.73 -41.17 0.07
N ALA A 79 -7.81 -40.21 0.20
CA ALA A 79 -7.49 -39.30 -0.91
C ALA A 79 -6.94 -40.08 -2.10
N GLU A 80 -6.12 -41.08 -1.80
CA GLU A 80 -5.46 -41.90 -2.80
C GLU A 80 -6.47 -42.81 -3.51
N LEU A 81 -7.47 -43.28 -2.77
CA LEU A 81 -8.55 -44.07 -3.34
C LEU A 81 -9.38 -43.25 -4.32
N LEU A 82 -9.78 -42.05 -3.89
CA LEU A 82 -10.51 -41.11 -4.74
C LEU A 82 -9.72 -40.83 -6.02
N GLN A 83 -8.44 -40.47 -5.85
CA GLN A 83 -7.59 -40.14 -6.99
C GLN A 83 -7.53 -41.28 -8.01
N VAL A 84 -7.23 -42.49 -7.55
CA VAL A 84 -7.01 -43.62 -8.45
C VAL A 84 -8.28 -44.02 -9.22
N ASP A 85 -9.44 -43.97 -8.55
CA ASP A 85 -10.70 -44.29 -9.22
C ASP A 85 -11.03 -43.28 -10.32
N CYS A 86 -10.75 -42.01 -10.06
CA CYS A 86 -10.95 -40.94 -11.04
C CYS A 86 -10.03 -41.09 -12.26
N GLU A 87 -8.77 -41.48 -12.01
CA GLU A 87 -7.79 -41.70 -13.07
C GLU A 87 -8.16 -42.91 -13.93
N MET A 88 -8.68 -43.95 -13.27
CA MET A 88 -9.04 -45.20 -13.94
C MET A 88 -10.31 -45.11 -14.79
N TYR A 89 -11.37 -44.55 -14.22
CA TYR A 89 -12.69 -44.58 -14.87
C TYR A 89 -13.17 -43.23 -15.43
N GLY A 90 -12.53 -42.14 -15.00
CA GLY A 90 -12.87 -40.80 -15.50
C GLY A 90 -14.24 -40.34 -15.04
N LEU A 91 -14.86 -39.48 -15.83
CA LEU A 91 -16.22 -39.01 -15.54
C LEU A 91 -17.25 -40.04 -15.99
N THR A 92 -17.42 -41.05 -15.15
CA THR A 92 -18.39 -42.12 -15.38
C THR A 92 -19.69 -41.83 -14.64
N ASN A 93 -20.78 -42.42 -15.09
CA ASN A 93 -22.09 -42.20 -14.48
C ASN A 93 -22.61 -43.39 -13.67
N ASP A 94 -21.86 -44.48 -13.63
CA ASP A 94 -22.33 -45.68 -12.93
C ASP A 94 -22.41 -45.41 -11.43
N HIS A 95 -23.53 -45.85 -10.85
CA HIS A 95 -23.90 -45.50 -9.48
C HIS A 95 -22.81 -45.80 -8.46
N TYR A 96 -22.17 -46.97 -8.60
CA TYR A 96 -21.17 -47.43 -7.64
C TYR A 96 -19.97 -46.49 -7.51
N SER A 97 -19.45 -46.02 -8.64
CA SER A 97 -18.28 -45.13 -8.67
C SER A 97 -18.59 -43.73 -8.16
N ILE A 98 -19.75 -43.19 -8.53
CA ILE A 98 -20.24 -41.90 -8.01
C ILE A 98 -20.34 -41.95 -6.49
N THR A 99 -20.98 -43.00 -5.99
CA THR A 99 -21.19 -43.19 -4.55
C THR A 99 -19.87 -43.32 -3.80
N LEU A 100 -18.95 -44.12 -4.36
CA LEU A 100 -17.60 -44.30 -3.83
C LEU A 100 -16.90 -42.95 -3.66
N ARG A 101 -16.91 -42.15 -4.72
CA ARG A 101 -16.26 -40.84 -4.73
C ARG A 101 -16.93 -39.86 -3.77
N ARG A 102 -18.25 -39.94 -3.66
CA ARG A 102 -19.02 -39.12 -2.73
C ARG A 102 -18.60 -39.37 -1.28
N TYR A 103 -18.62 -40.64 -0.88
CA TYR A 103 -18.25 -41.03 0.48
C TYR A 103 -16.83 -40.63 0.82
N ALA A 104 -15.91 -40.91 -0.11
CA ALA A 104 -14.49 -40.57 0.06
C ALA A 104 -14.31 -39.07 0.24
N GLY A 105 -14.96 -38.28 -0.61
CA GLY A 105 -14.91 -36.82 -0.53
C GLY A 105 -15.51 -36.28 0.76
N MET A 106 -16.57 -36.93 1.25
CA MET A 106 -17.21 -36.55 2.51
C MET A 106 -16.28 -36.80 3.69
N ALA A 107 -15.57 -37.92 3.66
CA ALA A 107 -14.57 -38.25 4.67
C ALA A 107 -13.40 -37.28 4.64
N LEU A 108 -13.02 -36.84 3.43
CA LEU A 108 -11.95 -35.86 3.27
C LEU A 108 -12.38 -34.48 3.78
N THR A 109 -13.64 -34.14 3.56
CA THR A 109 -14.25 -32.94 4.15
C THR A 109 -14.11 -32.96 5.67
N ASN A 110 -14.53 -34.07 6.28
CA ASN A 110 -14.46 -34.23 7.73
C ASN A 110 -13.03 -34.22 8.28
N LEU A 111 -12.11 -34.86 7.56
CA LEU A 111 -10.71 -34.93 7.97
C LEU A 111 -9.93 -33.62 7.80
N THR A 112 -10.45 -32.72 6.96
CA THR A 112 -9.84 -31.40 6.77
C THR A 112 -10.46 -30.31 7.63
N PHE A 113 -11.58 -30.64 8.29
CA PHE A 113 -12.30 -29.68 9.14
C PHE A 113 -11.50 -29.34 10.40
N GLY A 114 -11.07 -28.08 10.49
CA GLY A 114 -10.28 -27.59 11.63
C GLY A 114 -8.90 -28.20 11.78
N ASP A 115 -8.43 -28.90 10.73
CA ASP A 115 -7.14 -29.59 10.78
C ASP A 115 -6.14 -28.90 9.87
N VAL A 116 -5.26 -28.11 10.48
CA VAL A 116 -4.25 -27.31 9.78
C VAL A 116 -3.36 -28.19 8.91
N ALA A 117 -2.80 -29.24 9.51
CA ALA A 117 -1.88 -30.15 8.83
C ALA A 117 -2.55 -30.86 7.66
N ASN A 118 -3.76 -31.38 7.88
CA ASN A 118 -4.49 -32.12 6.84
C ASN A 118 -4.88 -31.26 5.63
N LYS A 119 -5.24 -30.01 5.87
CA LYS A 119 -5.55 -29.07 4.79
C LYS A 119 -4.34 -28.87 3.87
N ALA A 120 -3.17 -28.63 4.48
CA ALA A 120 -1.94 -28.37 3.76
C ALA A 120 -1.42 -29.61 3.05
N THR A 121 -1.60 -30.77 3.69
CA THR A 121 -1.17 -32.04 3.13
C THR A 121 -1.98 -32.40 1.89
N LEU A 122 -3.30 -32.35 2.01
CA LEU A 122 -4.19 -32.64 0.88
C LEU A 122 -3.96 -31.71 -0.33
N CYS A 123 -3.67 -30.44 -0.06
CA CYS A 123 -3.31 -29.49 -1.12
C CYS A 123 -1.99 -29.84 -1.82
N SER A 124 -1.03 -30.37 -1.05
CA SER A 124 0.28 -30.74 -1.60
C SER A 124 0.21 -31.99 -2.47
N MET A 125 -0.89 -32.73 -2.35
CA MET A 125 -1.12 -33.92 -3.17
C MET A 125 -1.74 -33.51 -4.51
N LYS A 126 -0.89 -33.08 -5.43
CA LYS A 126 -1.30 -32.47 -6.70
C LYS A 126 -2.20 -33.37 -7.55
N GLY A 127 -1.84 -34.65 -7.63
CA GLY A 127 -2.63 -35.64 -8.37
C GLY A 127 -4.05 -35.76 -7.87
N CYS A 128 -4.20 -35.73 -6.54
CA CYS A 128 -5.52 -35.80 -5.93
C CYS A 128 -6.29 -34.49 -6.12
N MET A 129 -5.57 -33.37 -6.04
CA MET A 129 -6.15 -32.05 -6.25
C MET A 129 -6.71 -31.89 -7.67
N ARG A 130 -5.97 -32.37 -8.67
CA ARG A 130 -6.42 -32.33 -10.06
C ARG A 130 -7.64 -33.21 -10.27
N ALA A 131 -7.64 -34.39 -9.63
CA ALA A 131 -8.75 -35.33 -9.71
C ALA A 131 -10.01 -34.73 -9.12
N LEU A 132 -9.87 -34.08 -7.96
CA LEU A 132 -10.99 -33.41 -7.29
C LEU A 132 -11.62 -32.34 -8.18
N VAL A 133 -10.78 -31.43 -8.68
CA VAL A 133 -11.23 -30.34 -9.53
C VAL A 133 -11.96 -30.85 -10.79
N ALA A 134 -11.46 -31.95 -11.36
CA ALA A 134 -12.06 -32.56 -12.55
C ALA A 134 -13.49 -33.07 -12.28
N GLN A 135 -13.78 -33.44 -11.03
CA GLN A 135 -15.08 -33.98 -10.66
C GLN A 135 -16.21 -32.95 -10.63
N LEU A 136 -15.85 -31.67 -10.75
CA LEU A 136 -16.85 -30.60 -10.79
C LEU A 136 -17.67 -30.61 -12.10
N LYS A 137 -17.16 -31.28 -13.13
CA LYS A 137 -17.89 -31.38 -14.39
C LYS A 137 -18.68 -32.69 -14.53
N SER A 138 -18.72 -33.48 -13.46
CA SER A 138 -19.60 -34.64 -13.35
C SER A 138 -21.04 -34.19 -13.43
N GLU A 139 -21.90 -34.98 -14.08
CA GLU A 139 -23.32 -34.63 -14.12
C GLU A 139 -24.09 -35.10 -12.88
N SER A 140 -23.33 -35.56 -11.88
CA SER A 140 -23.86 -35.81 -10.54
C SER A 140 -23.65 -34.57 -9.68
N GLU A 141 -24.74 -33.87 -9.39
CA GLU A 141 -24.68 -32.66 -8.57
C GLU A 141 -24.35 -32.98 -7.12
N ASP A 142 -24.79 -34.16 -6.66
CA ASP A 142 -24.43 -34.65 -5.34
C ASP A 142 -22.93 -34.79 -5.21
N LEU A 143 -22.28 -35.31 -6.27
CA LEU A 143 -20.83 -35.38 -6.31
C LEU A 143 -20.20 -33.99 -6.36
N GLN A 144 -20.74 -33.12 -7.21
CA GLN A 144 -20.32 -31.72 -7.30
C GLN A 144 -20.35 -31.04 -5.94
N GLN A 145 -21.42 -31.28 -5.18
CA GLN A 145 -21.61 -30.70 -3.85
C GLN A 145 -20.53 -31.15 -2.87
N VAL A 146 -20.14 -32.41 -2.99
CA VAL A 146 -19.09 -32.98 -2.14
C VAL A 146 -17.73 -32.36 -2.45
N ILE A 147 -17.41 -32.26 -3.74
CA ILE A 147 -16.14 -31.69 -4.19
C ILE A 147 -15.99 -30.23 -3.75
N ALA A 148 -17.06 -29.45 -3.92
CA ALA A 148 -17.10 -28.06 -3.45
C ALA A 148 -16.89 -27.93 -1.93
N SER A 149 -17.44 -28.88 -1.17
CA SER A 149 -17.27 -28.91 0.29
C SER A 149 -15.82 -29.14 0.70
N VAL A 150 -15.14 -30.04 0.01
CA VAL A 150 -13.71 -30.27 0.24
C VAL A 150 -12.93 -28.99 -0.04
N LEU A 151 -13.18 -28.40 -1.20
CA LEU A 151 -12.49 -27.18 -1.63
C LEU A 151 -12.80 -25.98 -0.72
N ARG A 152 -13.99 -25.96 -0.14
CA ARG A 152 -14.37 -24.96 0.85
C ARG A 152 -13.46 -25.03 2.08
N ASN A 153 -13.30 -26.22 2.64
CA ASN A 153 -12.42 -26.45 3.78
C ASN A 153 -10.95 -26.16 3.47
N LEU A 154 -10.51 -26.59 2.29
CA LEU A 154 -9.10 -26.42 1.88
C LEU A 154 -8.72 -24.95 1.67
N SER A 155 -9.68 -24.13 1.27
CA SER A 155 -9.44 -22.71 1.02
C SER A 155 -9.66 -21.87 2.27
N TRP A 156 -10.20 -22.49 3.33
CA TRP A 156 -10.37 -21.80 4.60
C TRP A 156 -9.06 -21.76 5.38
N ARG A 157 -8.54 -20.55 5.58
CA ARG A 157 -7.25 -20.32 6.24
C ARG A 157 -6.11 -21.11 5.60
N ALA A 158 -6.07 -21.08 4.27
CA ALA A 158 -5.05 -21.77 3.50
C ALA A 158 -3.71 -21.05 3.66
N ASP A 159 -2.65 -21.81 3.90
CA ASP A 159 -1.30 -21.24 3.98
C ASP A 159 -0.81 -20.84 2.60
N VAL A 160 0.38 -20.23 2.54
CA VAL A 160 0.96 -19.74 1.29
C VAL A 160 1.04 -20.80 0.18
N ASN A 161 1.46 -22.02 0.56
CA ASN A 161 1.58 -23.13 -0.39
C ASN A 161 0.24 -23.62 -0.92
N SER A 162 -0.74 -23.74 -0.02
CA SER A 162 -2.08 -24.20 -0.39
C SER A 162 -2.77 -23.21 -1.32
N LYS A 163 -2.62 -21.92 -1.02
CA LYS A 163 -3.17 -20.85 -1.86
C LYS A 163 -2.65 -20.94 -3.29
N LYS A 164 -1.35 -21.21 -3.43
CA LYS A 164 -0.71 -21.36 -4.72
C LYS A 164 -1.24 -22.60 -5.46
N THR A 165 -1.29 -23.73 -4.76
CA THR A 165 -1.78 -24.97 -5.34
C THR A 165 -3.23 -24.85 -5.83
N LEU A 166 -4.11 -24.35 -4.97
CA LEU A 166 -5.52 -24.15 -5.31
C LEU A 166 -5.69 -23.30 -6.56
N ARG A 167 -4.85 -22.28 -6.69
CA ARG A 167 -4.82 -21.42 -7.87
C ARG A 167 -4.38 -22.20 -9.10
N GLU A 168 -3.26 -22.90 -9.00
CA GLU A 168 -2.64 -23.59 -10.12
C GLU A 168 -3.45 -24.76 -10.72
N VAL A 169 -4.24 -25.43 -9.89
CA VAL A 169 -5.12 -26.50 -10.36
C VAL A 169 -6.44 -25.98 -10.94
N GLY A 170 -6.57 -24.66 -11.03
CA GLY A 170 -7.70 -24.00 -11.67
C GLY A 170 -9.03 -24.17 -10.94
N SER A 171 -8.97 -24.25 -9.61
CA SER A 171 -10.16 -24.53 -8.82
C SER A 171 -11.18 -23.38 -8.85
N VAL A 172 -10.69 -22.15 -8.98
CA VAL A 172 -11.54 -20.95 -9.01
C VAL A 172 -12.42 -20.93 -10.25
N LYS A 173 -11.81 -21.09 -11.41
CA LYS A 173 -12.52 -21.11 -12.69
C LYS A 173 -13.50 -22.27 -12.77
N ALA A 174 -13.07 -23.45 -12.31
CA ALA A 174 -13.89 -24.66 -12.35
C ALA A 174 -15.14 -24.54 -11.47
N LEU A 175 -14.99 -23.93 -10.29
CA LEU A 175 -16.11 -23.70 -9.39
C LEU A 175 -17.10 -22.66 -9.92
N MET A 176 -16.58 -21.60 -10.53
CA MET A 176 -17.42 -20.55 -11.12
C MET A 176 -18.21 -21.07 -12.32
N GLU A 177 -17.56 -21.88 -13.15
CA GLU A 177 -18.21 -22.53 -14.30
C GLU A 177 -19.25 -23.53 -13.83
N CYS A 178 -18.92 -24.25 -12.75
CA CYS A 178 -19.85 -25.20 -12.13
C CYS A 178 -21.11 -24.50 -11.64
N ALA A 179 -20.93 -23.34 -10.99
CA ALA A 179 -22.04 -22.54 -10.45
C ALA A 179 -23.08 -22.12 -11.49
N LEU A 180 -22.63 -21.85 -12.71
CA LEU A 180 -23.53 -21.41 -13.78
C LEU A 180 -24.44 -22.54 -14.26
N GLU A 181 -24.01 -23.78 -14.01
CA GLU A 181 -24.70 -24.97 -14.52
C GLU A 181 -25.57 -25.69 -13.48
N VAL A 182 -25.37 -25.40 -12.19
CA VAL A 182 -26.08 -26.14 -11.14
C VAL A 182 -27.58 -25.86 -11.12
N LYS A 183 -28.37 -26.93 -10.95
CA LYS A 183 -29.83 -26.82 -10.92
C LYS A 183 -30.39 -26.84 -9.51
N LYS A 184 -29.59 -27.37 -8.57
CA LYS A 184 -30.02 -27.53 -7.18
C LYS A 184 -29.43 -26.46 -6.26
N GLU A 185 -30.25 -25.96 -5.34
CA GLU A 185 -29.83 -24.98 -4.34
C GLU A 185 -28.71 -25.50 -3.44
N SER A 186 -28.82 -26.77 -3.02
CA SER A 186 -27.82 -27.37 -2.12
C SER A 186 -26.43 -27.45 -2.76
N THR A 187 -26.38 -27.75 -4.05
CA THR A 187 -25.10 -27.76 -4.78
C THR A 187 -24.52 -26.33 -4.84
N LEU A 188 -25.40 -25.36 -5.11
CA LEU A 188 -25.00 -23.97 -5.23
C LEU A 188 -24.48 -23.38 -3.91
N LYS A 189 -25.09 -23.76 -2.79
CA LYS A 189 -24.61 -23.33 -1.46
C LYS A 189 -23.15 -23.70 -1.30
N SER A 190 -22.88 -24.99 -1.50
CA SER A 190 -21.54 -25.56 -1.36
C SER A 190 -20.54 -24.92 -2.31
N VAL A 191 -20.96 -24.71 -3.55
CA VAL A 191 -20.12 -24.09 -4.58
C VAL A 191 -19.75 -22.64 -4.22
N LEU A 192 -20.74 -21.85 -3.83
CA LEU A 192 -20.53 -20.44 -3.51
C LEU A 192 -19.71 -20.23 -2.22
N SER A 193 -19.87 -21.12 -1.26
CA SER A 193 -19.08 -21.10 -0.02
C SER A 193 -17.59 -21.28 -0.32
N ALA A 194 -17.28 -22.23 -1.19
CA ALA A 194 -15.91 -22.44 -1.64
C ALA A 194 -15.38 -21.20 -2.35
N LEU A 195 -16.17 -20.63 -3.26
CA LEU A 195 -15.78 -19.41 -3.99
C LEU A 195 -15.64 -18.19 -3.06
N TRP A 196 -16.47 -18.11 -2.03
CA TRP A 196 -16.38 -17.06 -1.03
C TRP A 196 -15.00 -17.07 -0.36
N ASN A 197 -14.54 -18.26 0.05
CA ASN A 197 -13.20 -18.42 0.62
C ASN A 197 -12.09 -18.06 -0.38
N LEU A 198 -12.20 -18.61 -1.60
CA LEU A 198 -11.17 -18.44 -2.63
C LEU A 198 -11.06 -17.00 -3.15
N SER A 199 -12.19 -16.29 -3.18
CA SER A 199 -12.23 -14.91 -3.68
C SER A 199 -11.47 -13.92 -2.78
N ALA A 200 -11.15 -14.33 -1.56
CA ALA A 200 -10.38 -13.50 -0.62
C ALA A 200 -8.88 -13.74 -0.68
N HIS A 201 -8.47 -14.80 -1.38
CA HIS A 201 -7.08 -15.27 -1.38
C HIS A 201 -6.07 -14.29 -1.99
N CYS A 202 -6.39 -13.78 -3.18
CA CYS A 202 -5.50 -12.91 -3.93
C CYS A 202 -6.27 -12.24 -5.06
N THR A 203 -5.60 -11.32 -5.76
CA THR A 203 -6.19 -10.60 -6.89
C THR A 203 -6.45 -11.53 -8.09
N GLU A 204 -5.54 -12.48 -8.32
CA GLU A 204 -5.66 -13.43 -9.43
C GLU A 204 -6.97 -14.22 -9.36
N ASN A 205 -7.33 -14.67 -8.15
CA ASN A 205 -8.57 -15.41 -7.93
C ASN A 205 -9.82 -14.57 -8.20
N LYS A 206 -9.76 -13.29 -7.85
CA LYS A 206 -10.83 -12.33 -8.14
C LYS A 206 -10.95 -12.09 -9.64
N ALA A 207 -9.80 -11.99 -10.31
CA ALA A 207 -9.74 -11.79 -11.76
C ALA A 207 -10.33 -12.98 -12.51
N ASP A 208 -10.02 -14.19 -12.03
CA ASP A 208 -10.53 -15.42 -12.65
C ASP A 208 -12.05 -15.52 -12.58
N ILE A 209 -12.63 -15.10 -11.46
CA ILE A 209 -14.09 -15.02 -11.32
C ILE A 209 -14.68 -14.00 -12.29
N CYS A 210 -14.07 -12.81 -12.35
CA CYS A 210 -14.51 -11.74 -13.25
C CYS A 210 -14.37 -12.11 -14.72
N ALA A 211 -13.38 -12.94 -15.04
CA ALA A 211 -13.09 -13.30 -16.44
C ALA A 211 -13.99 -14.41 -17.01
N VAL A 212 -14.66 -15.16 -16.13
CA VAL A 212 -15.61 -16.19 -16.57
C VAL A 212 -16.86 -15.52 -17.17
N ASP A 213 -17.23 -15.96 -18.37
CA ASP A 213 -18.35 -15.39 -19.12
C ASP A 213 -19.69 -15.53 -18.40
N GLY A 214 -20.32 -14.41 -18.09
CA GLY A 214 -21.62 -14.39 -17.43
C GLY A 214 -21.59 -14.59 -15.92
N ALA A 215 -20.39 -14.59 -15.33
CA ALA A 215 -20.22 -14.85 -13.90
C ALA A 215 -20.65 -13.68 -13.02
N LEU A 216 -20.31 -12.46 -13.44
CA LEU A 216 -20.65 -11.27 -12.66
C LEU A 216 -22.15 -11.02 -12.64
N ALA A 217 -22.80 -11.24 -13.78
CA ALA A 217 -24.25 -11.12 -13.90
C ALA A 217 -24.94 -12.15 -13.02
N PHE A 218 -24.38 -13.36 -12.98
CA PHE A 218 -24.88 -14.43 -12.13
C PHE A 218 -24.77 -14.02 -10.66
N LEU A 219 -23.63 -13.48 -10.28
CA LEU A 219 -23.38 -13.06 -8.90
C LEU A 219 -24.34 -11.95 -8.46
N VAL A 220 -24.61 -10.99 -9.34
CA VAL A 220 -25.61 -9.96 -9.06
C VAL A 220 -27.00 -10.59 -8.93
N GLY A 221 -27.25 -11.64 -9.73
CA GLY A 221 -28.49 -12.40 -9.65
C GLY A 221 -28.73 -13.06 -8.30
N THR A 222 -27.65 -13.51 -7.65
CA THR A 222 -27.73 -14.16 -6.34
C THR A 222 -28.16 -13.21 -5.21
N LEU A 223 -28.01 -11.91 -5.44
CA LEU A 223 -28.37 -10.89 -4.45
C LEU A 223 -29.89 -10.81 -4.22
N THR A 224 -30.67 -11.26 -5.20
CA THR A 224 -32.13 -11.28 -5.11
C THR A 224 -32.68 -12.69 -5.26
N TYR A 225 -31.84 -13.67 -4.92
CA TYR A 225 -32.20 -15.09 -5.00
C TYR A 225 -33.39 -15.41 -4.10
N ARG A 226 -34.26 -16.29 -4.60
CA ARG A 226 -35.47 -16.70 -3.89
C ARG A 226 -35.38 -18.15 -3.40
N SER A 227 -34.84 -18.31 -2.19
CA SER A 227 -34.69 -19.63 -1.58
C SER A 227 -36.02 -20.24 -1.20
N GLN A 228 -36.23 -21.50 -1.59
CA GLN A 228 -37.44 -22.22 -1.21
C GLN A 228 -37.24 -23.13 0.00
N THR A 229 -36.02 -23.13 0.52
CA THR A 229 -35.73 -23.70 1.84
C THR A 229 -35.69 -22.57 2.87
N ASN A 230 -36.15 -21.39 2.45
CA ASN A 230 -36.20 -20.18 3.28
C ASN A 230 -34.91 -19.87 4.04
N THR A 231 -33.80 -19.89 3.31
CA THR A 231 -32.49 -19.56 3.85
C THR A 231 -31.95 -18.30 3.19
N LEU A 232 -30.95 -17.68 3.81
CA LEU A 232 -30.30 -16.50 3.26
C LEU A 232 -28.90 -16.85 2.76
N ALA A 233 -28.59 -18.14 2.79
CA ALA A 233 -27.26 -18.66 2.46
C ALA A 233 -26.71 -18.19 1.11
N ILE A 234 -27.53 -18.27 0.07
CA ILE A 234 -27.09 -17.92 -1.28
C ILE A 234 -26.88 -16.40 -1.49
N ILE A 235 -27.76 -15.60 -0.87
CA ILE A 235 -27.60 -14.14 -0.90
C ILE A 235 -26.34 -13.73 -0.15
N GLU A 236 -26.10 -14.34 1.01
CA GLU A 236 -24.93 -14.07 1.83
C GLU A 236 -23.60 -14.44 1.16
N SER A 237 -23.55 -15.64 0.57
CA SER A 237 -22.31 -16.10 -0.07
C SER A 237 -22.07 -15.43 -1.43
N GLY A 238 -23.14 -15.29 -2.21
CA GLY A 238 -23.06 -14.59 -3.50
C GLY A 238 -22.66 -13.14 -3.31
N GLY A 239 -23.26 -12.50 -2.31
CA GLY A 239 -22.92 -11.14 -1.93
C GLY A 239 -21.53 -11.03 -1.30
N GLY A 240 -21.09 -12.12 -0.68
CA GLY A 240 -19.76 -12.21 -0.11
C GLY A 240 -18.68 -12.27 -1.19
N ILE A 241 -18.91 -13.10 -2.20
CA ILE A 241 -18.03 -13.20 -3.36
C ILE A 241 -17.96 -11.86 -4.09
N LEU A 242 -19.12 -11.26 -4.33
CA LEU A 242 -19.20 -9.97 -5.01
C LEU A 242 -18.46 -8.87 -4.25
N ARG A 243 -18.59 -8.85 -2.92
CA ARG A 243 -17.86 -7.92 -2.07
C ARG A 243 -16.34 -8.08 -2.22
N ASN A 244 -15.88 -9.33 -2.31
CA ASN A 244 -14.46 -9.61 -2.48
C ASN A 244 -13.92 -9.17 -3.83
N VAL A 245 -14.67 -9.43 -4.90
CA VAL A 245 -14.21 -9.13 -6.27
C VAL A 245 -14.45 -7.68 -6.68
N SER A 246 -15.29 -6.97 -5.93
CA SER A 246 -15.66 -5.59 -6.25
C SER A 246 -14.49 -4.61 -6.24
N SER A 247 -13.43 -4.97 -5.52
CA SER A 247 -12.20 -4.17 -5.51
C SER A 247 -11.53 -4.15 -6.89
N LEU A 248 -11.72 -5.24 -7.64
CA LEU A 248 -11.24 -5.33 -9.01
C LEU A 248 -12.22 -4.68 -9.99
N ILE A 249 -13.52 -4.89 -9.73
CA ILE A 249 -14.59 -4.26 -10.51
C ILE A 249 -14.47 -2.74 -10.48
N ALA A 250 -14.11 -2.21 -9.30
CA ALA A 250 -13.98 -0.77 -9.08
C ALA A 250 -13.15 -0.03 -10.13
N THR A 251 -12.11 -0.69 -10.63
CA THR A 251 -11.19 -0.08 -11.60
C THR A 251 -11.43 -0.55 -13.04
N ASN A 252 -12.47 -1.37 -13.23
CA ASN A 252 -12.80 -1.91 -14.55
C ASN A 252 -14.19 -1.47 -15.00
N GLU A 253 -14.21 -0.65 -16.05
CA GLU A 253 -15.43 -0.06 -16.58
C GLU A 253 -16.37 -1.07 -17.24
N ASP A 254 -15.80 -2.10 -17.86
CA ASP A 254 -16.59 -3.18 -18.46
C ASP A 254 -17.33 -3.99 -17.39
N HIS A 255 -16.68 -4.20 -16.24
CA HIS A 255 -17.27 -4.92 -15.12
C HIS A 255 -18.34 -4.10 -14.39
N ARG A 256 -18.08 -2.80 -14.27
CA ARG A 256 -19.06 -1.88 -13.68
C ARG A 256 -20.34 -1.82 -14.50
N GLN A 257 -20.20 -1.86 -15.82
CA GLN A 257 -21.34 -1.84 -16.74
C GLN A 257 -22.26 -3.06 -16.59
N ILE A 258 -21.66 -4.24 -16.45
CA ILE A 258 -22.42 -5.47 -16.20
C ILE A 258 -23.26 -5.32 -14.92
N LEU A 259 -22.64 -4.76 -13.88
CA LEU A 259 -23.33 -4.47 -12.62
C LEU A 259 -24.44 -3.45 -12.78
N ARG A 260 -24.22 -2.43 -13.62
CA ARG A 260 -25.23 -1.41 -13.91
C ARG A 260 -26.46 -1.97 -14.63
N GLU A 261 -26.21 -2.91 -15.55
CA GLU A 261 -27.26 -3.52 -16.35
C GLU A 261 -28.16 -4.45 -15.54
N ASN A 262 -27.65 -4.95 -14.43
CA ASN A 262 -28.41 -5.84 -13.55
C ASN A 262 -28.83 -5.16 -12.24
N ASN A 263 -28.87 -3.83 -12.27
CA ASN A 263 -29.36 -3.00 -11.15
C ASN A 263 -28.69 -3.30 -9.81
N CYS A 264 -27.37 -3.48 -9.83
CA CYS A 264 -26.62 -3.94 -8.66
C CYS A 264 -26.62 -2.95 -7.50
N LEU A 265 -26.32 -1.69 -7.79
CA LEU A 265 -26.27 -0.65 -6.75
C LEU A 265 -27.60 -0.48 -6.03
N GLN A 266 -28.70 -0.53 -6.77
CA GLN A 266 -30.05 -0.46 -6.21
C GLN A 266 -30.30 -1.57 -5.20
N THR A 267 -29.89 -2.79 -5.54
CA THR A 267 -30.05 -3.96 -4.69
C THR A 267 -29.18 -3.87 -3.44
N LEU A 268 -27.94 -3.40 -3.61
CA LEU A 268 -27.01 -3.26 -2.50
C LEU A 268 -27.52 -2.28 -1.45
N LEU A 269 -28.18 -1.22 -1.89
CA LEU A 269 -28.80 -0.26 -0.98
C LEU A 269 -29.95 -0.90 -0.21
N GLN A 270 -30.76 -1.68 -0.92
CA GLN A 270 -31.84 -2.45 -0.30
C GLN A 270 -31.31 -3.46 0.72
N HIS A 271 -30.10 -3.95 0.47
CA HIS A 271 -29.41 -4.89 1.35
C HIS A 271 -29.00 -4.26 2.69
N LEU A 272 -28.84 -2.94 2.71
CA LEU A 272 -28.52 -2.22 3.94
C LEU A 272 -29.66 -2.22 4.95
N LYS A 273 -30.86 -2.62 4.51
CA LYS A 273 -32.05 -2.72 5.36
C LYS A 273 -32.25 -4.12 5.95
N SER A 274 -31.47 -5.08 5.49
CA SER A 274 -31.59 -6.49 5.90
C SER A 274 -31.41 -6.70 7.41
N HIS A 275 -32.01 -7.78 7.91
CA HIS A 275 -31.87 -8.16 9.32
C HIS A 275 -30.64 -9.05 9.52
N SER A 276 -30.15 -9.63 8.42
CA SER A 276 -28.92 -10.42 8.43
C SER A 276 -27.73 -9.48 8.43
N LEU A 277 -26.94 -9.54 9.49
CA LEU A 277 -25.76 -8.68 9.65
C LEU A 277 -24.72 -8.96 8.57
N THR A 278 -24.62 -10.22 8.15
CA THR A 278 -23.73 -10.63 7.07
C THR A 278 -24.09 -9.95 5.75
N ILE A 279 -25.38 -9.83 5.45
CA ILE A 279 -25.83 -9.19 4.22
C ILE A 279 -25.52 -7.69 4.22
N VAL A 280 -25.77 -7.04 5.36
CA VAL A 280 -25.46 -5.61 5.53
C VAL A 280 -23.95 -5.38 5.40
N SER A 281 -23.17 -6.21 6.09
CA SER A 281 -21.71 -6.16 6.05
C SER A 281 -21.16 -6.32 4.64
N ASN A 282 -21.65 -7.32 3.92
CA ASN A 282 -21.28 -7.56 2.53
C ASN A 282 -21.62 -6.38 1.61
N ALA A 283 -22.80 -5.82 1.81
CA ALA A 283 -23.27 -4.66 1.05
C ALA A 283 -22.43 -3.42 1.33
N CYS A 284 -22.07 -3.22 2.60
CA CYS A 284 -21.22 -2.10 3.01
C CYS A 284 -19.84 -2.17 2.37
N GLY A 285 -19.28 -3.39 2.29
CA GLY A 285 -17.98 -3.62 1.67
C GLY A 285 -17.97 -3.42 0.17
N THR A 286 -19.04 -3.87 -0.49
CA THR A 286 -19.19 -3.71 -1.94
C THR A 286 -19.35 -2.24 -2.31
N LEU A 287 -20.18 -1.52 -1.55
CA LEU A 287 -20.40 -0.08 -1.74
C LEU A 287 -19.15 0.73 -1.43
N TRP A 288 -18.34 0.24 -0.49
CA TRP A 288 -17.04 0.83 -0.15
C TRP A 288 -16.10 0.82 -1.37
N ASN A 289 -15.99 -0.34 -2.03
CA ASN A 289 -15.18 -0.48 -3.23
C ASN A 289 -15.72 0.30 -4.43
N LEU A 290 -17.04 0.24 -4.64
CA LEU A 290 -17.66 0.83 -5.83
C LEU A 290 -17.90 2.34 -5.74
N SER A 291 -17.81 2.90 -4.53
CA SER A 291 -17.96 4.34 -4.34
C SER A 291 -16.66 5.11 -4.61
N ALA A 292 -15.60 4.37 -4.91
CA ALA A 292 -14.31 4.96 -5.23
C ALA A 292 -14.13 5.16 -6.74
N ARG A 293 -13.51 6.28 -7.09
CA ARG A 293 -13.00 6.57 -8.44
C ARG A 293 -13.92 6.20 -9.62
N ASN A 294 -15.17 6.65 -9.53
CA ASN A 294 -16.13 6.52 -10.63
C ASN A 294 -17.28 7.51 -10.46
N PRO A 295 -17.20 8.67 -11.13
CA PRO A 295 -18.20 9.73 -10.98
C PRO A 295 -19.62 9.27 -11.32
N LYS A 296 -19.76 8.42 -12.32
CA LYS A 296 -21.06 7.90 -12.75
C LYS A 296 -21.77 7.14 -11.63
N ASP A 297 -21.07 6.18 -11.03
CA ASP A 297 -21.63 5.40 -9.92
C ASP A 297 -21.73 6.20 -8.62
N GLN A 298 -20.80 7.13 -8.43
CA GLN A 298 -20.86 8.06 -7.28
C GLN A 298 -22.11 8.91 -7.33
N GLU A 299 -22.42 9.46 -8.52
CA GLU A 299 -23.62 10.26 -8.73
C GLU A 299 -24.89 9.43 -8.51
N ALA A 300 -24.89 8.22 -9.05
CA ALA A 300 -26.03 7.31 -8.92
C ALA A 300 -26.33 6.97 -7.47
N LEU A 301 -25.28 6.75 -6.68
CA LEU A 301 -25.43 6.48 -5.24
C LEU A 301 -26.00 7.68 -4.49
N TRP A 302 -25.58 8.89 -4.88
CA TRP A 302 -26.15 10.12 -4.34
C TRP A 302 -27.64 10.23 -4.70
N ASP A 303 -27.96 10.01 -5.97
CA ASP A 303 -29.34 10.09 -6.48
C ASP A 303 -30.28 9.09 -5.81
N MET A 304 -29.73 7.98 -5.35
CA MET A 304 -30.51 6.91 -4.72
C MET A 304 -30.64 7.11 -3.20
N GLY A 305 -29.93 8.10 -2.66
CA GLY A 305 -30.00 8.43 -1.23
C GLY A 305 -29.08 7.61 -0.35
N ALA A 306 -27.93 7.20 -0.89
CA ALA A 306 -26.97 6.35 -0.18
C ALA A 306 -26.34 7.03 1.04
N VAL A 307 -26.19 8.35 0.97
CA VAL A 307 -25.54 9.14 2.02
C VAL A 307 -26.24 8.98 3.38
N SER A 308 -27.54 9.26 3.42
CA SER A 308 -28.33 9.13 4.65
C SER A 308 -28.44 7.67 5.10
N MET A 309 -28.52 6.74 4.14
CA MET A 309 -28.63 5.31 4.44
C MET A 309 -27.37 4.76 5.10
N LEU A 310 -26.21 5.20 4.62
CA LEU A 310 -24.93 4.81 5.22
C LEU A 310 -24.66 5.56 6.53
N LYS A 311 -25.29 6.73 6.69
CA LYS A 311 -25.21 7.51 7.93
C LYS A 311 -25.81 6.77 9.13
N ASN A 312 -26.81 5.94 8.89
CA ASN A 312 -27.46 5.17 9.96
C ASN A 312 -26.59 4.04 10.50
N LEU A 313 -25.62 3.60 9.69
CA LEU A 313 -24.84 2.40 9.99
C LEU A 313 -23.45 2.66 10.56
N ILE A 314 -23.02 3.93 10.59
CA ILE A 314 -21.68 4.28 11.07
C ILE A 314 -21.51 4.06 12.59
N HIS A 315 -22.60 4.21 13.34
CA HIS A 315 -22.57 4.03 14.79
C HIS A 315 -22.98 2.61 15.21
N SER A 316 -22.94 1.68 14.25
CA SER A 316 -23.29 0.28 14.50
C SER A 316 -22.29 -0.40 15.44
N LYS A 317 -22.80 -1.34 16.23
CA LYS A 317 -21.99 -2.10 17.17
C LYS A 317 -21.19 -3.18 16.45
N HIS A 318 -21.59 -3.48 15.22
CA HIS A 318 -20.91 -4.47 14.38
C HIS A 318 -19.73 -3.81 13.69
N LYS A 319 -18.55 -4.44 13.80
CA LYS A 319 -17.30 -3.82 13.41
C LYS A 319 -17.18 -3.52 11.92
N MET A 320 -17.47 -4.51 11.08
CA MET A 320 -17.37 -4.36 9.62
C MET A 320 -18.42 -3.44 9.03
N ILE A 321 -19.59 -3.38 9.67
CA ILE A 321 -20.68 -2.50 9.22
C ILE A 321 -20.33 -1.03 9.49
N ALA A 322 -19.82 -0.76 10.69
CA ALA A 322 -19.39 0.59 11.06
C ALA A 322 -18.22 1.07 10.21
N MET A 323 -17.28 0.16 9.94
CA MET A 323 -16.10 0.48 9.13
C MET A 323 -16.42 0.62 7.64
N GLY A 324 -17.12 -0.36 7.09
CA GLY A 324 -17.51 -0.35 5.67
C GLY A 324 -18.41 0.80 5.30
N SER A 325 -19.42 1.06 6.13
CA SER A 325 -20.36 2.16 5.90
C SER A 325 -19.68 3.53 6.01
N ALA A 326 -18.73 3.66 6.94
CA ALA A 326 -17.98 4.91 7.11
C ALA A 326 -17.00 5.15 5.96
N ALA A 327 -16.36 4.08 5.50
CA ALA A 327 -15.45 4.16 4.36
C ALA A 327 -16.17 4.53 3.06
N ALA A 328 -17.36 3.99 2.87
CA ALA A 328 -18.21 4.29 1.71
C ALA A 328 -18.71 5.72 1.75
N LEU A 329 -19.22 6.14 2.92
CA LEU A 329 -19.76 7.50 3.12
C LEU A 329 -18.70 8.56 2.85
N ARG A 330 -17.48 8.29 3.32
CA ARG A 330 -16.36 9.21 3.19
C ARG A 330 -15.95 9.38 1.72
N ASN A 331 -16.09 8.31 0.94
CA ASN A 331 -15.88 8.35 -0.50
C ASN A 331 -16.97 9.15 -1.23
N LEU A 332 -18.16 9.20 -0.64
CA LEU A 332 -19.28 9.95 -1.19
C LEU A 332 -19.27 11.42 -0.76
N MET A 333 -18.80 11.68 0.46
CA MET A 333 -18.69 13.04 0.99
C MET A 333 -17.61 13.84 0.24
N ALA A 334 -16.50 13.18 -0.06
CA ALA A 334 -15.58 13.65 -1.08
C ALA A 334 -16.19 13.24 -2.41
N ASN A 335 -15.88 13.97 -3.49
CA ASN A 335 -16.50 13.72 -4.80
C ASN A 335 -18.01 14.03 -4.81
N ARG A 336 -18.37 15.22 -4.32
CA ARG A 336 -19.75 15.69 -4.30
C ARG A 336 -20.23 16.11 -5.69
N PRO A 337 -21.33 15.50 -6.17
CA PRO A 337 -21.96 15.95 -7.42
C PRO A 337 -22.73 17.25 -7.21
N ALA A 338 -22.85 18.07 -8.25
CA ALA A 338 -23.57 19.34 -8.18
C ALA A 338 -25.06 19.13 -7.88
N LYS A 339 -25.60 19.98 -7.01
CA LYS A 339 -27.00 19.89 -6.59
C LYS A 339 -27.95 20.28 -7.72
N HIS B 6 13.27 30.26 5.80
CA HIS B 6 13.90 29.02 6.34
C HIS B 6 15.42 29.14 6.32
N HIS B 7 15.97 29.56 7.46
CA HIS B 7 17.42 29.75 7.64
C HIS B 7 18.20 28.44 7.52
N HIS B 8 17.61 27.35 8.00
CA HIS B 8 18.25 26.03 7.94
C HIS B 8 18.53 25.60 6.50
N MET B 9 17.54 25.76 5.64
CA MET B 9 17.64 25.39 4.23
C MET B 9 18.75 26.18 3.53
N LEU B 10 18.82 27.48 3.81
CA LEU B 10 19.85 28.34 3.22
C LEU B 10 21.25 27.96 3.72
N HIS B 11 21.35 27.68 5.01
CA HIS B 11 22.60 27.23 5.61
C HIS B 11 23.11 25.97 4.91
N LEU B 12 22.22 25.00 4.70
CA LEU B 12 22.58 23.74 4.04
C LEU B 12 23.04 23.94 2.60
N LEU B 13 22.33 24.80 1.87
CA LEU B 13 22.67 25.08 0.47
C LEU B 13 23.96 25.87 0.34
N GLU B 14 24.25 26.74 1.31
CA GLU B 14 25.50 27.48 1.34
C GLU B 14 26.70 26.57 1.65
N GLN B 15 26.49 25.58 2.52
CA GLN B 15 27.48 24.54 2.80
C GLN B 15 27.90 23.86 1.49
N ILE B 16 26.90 23.45 0.72
CA ILE B 16 27.10 22.73 -0.53
C ILE B 16 27.75 23.62 -1.61
N ARG B 17 27.25 24.84 -1.74
CA ARG B 17 27.78 25.79 -2.73
C ARG B 17 29.23 26.16 -2.44
N ALA B 18 29.54 26.42 -1.18
CA ALA B 18 30.90 26.73 -0.75
C ALA B 18 31.85 25.55 -0.99
N TYR B 19 31.38 24.34 -0.70
CA TYR B 19 32.16 23.14 -0.96
C TYR B 19 32.45 22.94 -2.45
N CYS B 20 31.44 23.19 -3.29
CA CYS B 20 31.61 23.12 -4.74
C CYS B 20 32.63 24.13 -5.24
N GLU B 21 32.61 25.35 -4.67
CA GLU B 21 33.58 26.39 -5.01
C GLU B 21 35.01 25.97 -4.68
N THR B 22 35.18 25.29 -3.54
CA THR B 22 36.47 24.72 -3.14
C THR B 22 36.94 23.65 -4.13
N CYS B 23 35.99 22.83 -4.60
CA CYS B 23 36.28 21.79 -5.59
C CYS B 23 36.62 22.38 -6.96
N TRP B 24 35.95 23.47 -7.33
CA TRP B 24 36.26 24.18 -8.58
C TRP B 24 37.63 24.87 -8.50
N GLU B 25 37.97 25.35 -7.32
CA GLU B 25 39.27 25.96 -7.04
C GLU B 25 40.39 24.92 -7.16
N TRP B 26 40.09 23.68 -6.78
CA TRP B 26 41.04 22.58 -6.92
C TRP B 26 41.18 22.11 -8.37
N GLN B 27 40.07 22.10 -9.10
CA GLN B 27 40.04 21.61 -10.49
C GLN B 27 40.83 22.47 -11.47
N GLU B 28 40.93 23.77 -11.18
CA GLU B 28 41.73 24.69 -11.99
C GLU B 28 43.13 24.87 -11.40
N ALA B 29 43.78 23.76 -11.09
CA ALA B 29 45.12 23.77 -10.50
C ALA B 29 45.98 22.61 -11.02
N PRO B 40 45.64 20.17 -2.36
CA PRO B 40 45.16 18.97 -1.68
C PRO B 40 43.72 18.64 -2.09
N MET B 41 43.46 17.34 -2.26
CA MET B 41 42.14 16.85 -2.67
C MET B 41 41.08 17.12 -1.59
N PRO B 42 40.04 17.90 -1.94
CA PRO B 42 38.94 18.13 -1.00
C PRO B 42 38.05 16.90 -0.88
N ALA B 43 37.92 16.39 0.35
CA ALA B 43 37.07 15.23 0.63
C ALA B 43 35.76 15.67 1.25
N PRO B 44 34.63 15.08 0.79
CA PRO B 44 33.30 15.44 1.29
C PRO B 44 33.12 15.21 2.79
N VAL B 45 33.76 14.16 3.32
CA VAL B 45 33.70 13.81 4.75
C VAL B 45 34.10 15.00 5.62
N GLU B 46 35.23 15.62 5.29
CA GLU B 46 35.81 16.71 6.07
C GLU B 46 34.96 17.98 6.08
N HIS B 47 34.04 18.09 5.12
CA HIS B 47 33.14 19.24 5.02
C HIS B 47 31.69 18.86 5.37
N GLN B 48 31.51 17.65 5.93
CA GLN B 48 30.21 17.15 6.38
C GLN B 48 29.10 17.34 5.33
N ILE B 49 29.41 16.95 4.10
CA ILE B 49 28.53 17.16 2.96
C ILE B 49 27.35 16.18 2.95
N CYS B 50 27.62 14.93 3.31
CA CYS B 50 26.60 13.89 3.30
C CYS B 50 25.42 14.16 4.26
N PRO B 51 25.69 14.64 5.49
CA PRO B 51 24.58 15.06 6.36
C PRO B 51 23.75 16.21 5.77
N ALA B 52 24.38 17.10 5.01
CA ALA B 52 23.68 18.23 4.39
C ALA B 52 22.69 17.79 3.31
N VAL B 53 23.14 16.93 2.40
CA VAL B 53 22.26 16.39 1.34
C VAL B 53 21.23 15.40 1.88
N CYS B 54 21.58 14.76 3.01
CA CYS B 54 20.66 13.86 3.69
C CYS B 54 19.42 14.61 4.16
N VAL B 55 19.63 15.76 4.81
CA VAL B 55 18.52 16.59 5.28
C VAL B 55 17.72 17.18 4.12
N LEU B 56 18.42 17.61 3.06
CA LEU B 56 17.77 18.16 1.88
C LEU B 56 16.94 17.13 1.11
N MET B 57 17.42 15.88 1.10
CA MET B 57 16.66 14.77 0.52
C MET B 57 15.37 14.55 1.29
N LYS B 58 15.46 14.56 2.63
CA LYS B 58 14.30 14.36 3.49
C LYS B 58 13.27 15.49 3.34
N LEU B 59 13.74 16.73 3.43
CA LEU B 59 12.87 17.91 3.31
C LEU B 59 12.18 17.98 1.95
N SER B 60 12.86 17.50 0.90
CA SER B 60 12.32 17.56 -0.46
C SER B 60 11.12 16.64 -0.73
N PHE B 61 10.73 15.82 0.25
CA PHE B 61 9.51 15.02 0.09
C PHE B 61 8.24 15.85 0.36
N ASP B 62 8.41 16.99 1.01
CA ASP B 62 7.31 17.91 1.25
C ASP B 62 7.26 19.00 0.17
N GLU B 63 6.04 19.32 -0.26
CA GLU B 63 5.79 20.31 -1.32
C GLU B 63 6.25 21.72 -0.96
N GLU B 64 5.90 22.18 0.24
CA GLU B 64 6.27 23.52 0.69
C GLU B 64 7.77 23.71 0.82
N HIS B 65 8.48 22.66 1.23
CA HIS B 65 9.93 22.70 1.35
C HIS B 65 10.61 22.73 -0.02
N ARG B 66 10.02 22.03 -0.99
CA ARG B 66 10.47 22.08 -2.38
C ARG B 66 10.39 23.50 -2.93
N HIS B 67 9.26 24.16 -2.68
CA HIS B 67 9.06 25.55 -3.09
C HIS B 67 10.13 26.47 -2.51
N ALA B 68 10.48 26.24 -1.25
CA ALA B 68 11.53 26.99 -0.58
C ALA B 68 12.91 26.72 -1.19
N MET B 69 13.19 25.45 -1.49
CA MET B 69 14.41 25.04 -2.17
C MET B 69 14.54 25.68 -3.55
N ASN B 70 13.43 25.72 -4.28
CA ASN B 70 13.42 26.30 -5.62
C ASN B 70 13.70 27.80 -5.61
N GLU B 71 13.19 28.49 -4.59
CA GLU B 71 13.43 29.92 -4.41
C GLU B 71 14.91 30.21 -4.19
N LEU B 72 15.60 29.24 -3.62
CA LEU B 72 17.02 29.36 -3.30
C LEU B 72 17.93 28.66 -4.31
N GLY B 73 17.34 28.23 -5.43
CA GLY B 73 18.07 27.53 -6.49
C GLY B 73 18.67 26.21 -6.05
N GLY B 74 17.91 25.45 -5.28
CA GLY B 74 18.35 24.17 -4.73
C GLY B 74 18.75 23.13 -5.76
N LEU B 75 17.98 23.03 -6.84
CA LEU B 75 18.24 22.05 -7.90
C LEU B 75 19.66 22.17 -8.45
N GLN B 76 20.03 23.38 -8.89
CA GLN B 76 21.35 23.62 -9.48
C GLN B 76 22.50 23.37 -8.51
N ALA B 77 22.31 23.76 -7.26
CA ALA B 77 23.31 23.56 -6.21
C ALA B 77 23.56 22.08 -5.93
N ILE B 78 22.48 21.31 -5.82
CA ILE B 78 22.56 19.88 -5.57
C ILE B 78 23.10 19.14 -6.79
N ALA B 79 22.68 19.57 -7.98
CA ALA B 79 23.15 19.01 -9.25
C ALA B 79 24.65 19.26 -9.46
N GLU B 80 25.11 20.47 -9.13
CA GLU B 80 26.53 20.80 -9.22
C GLU B 80 27.36 19.90 -8.30
N LEU B 81 26.84 19.64 -7.11
CA LEU B 81 27.51 18.78 -6.14
C LEU B 81 27.67 17.36 -6.63
N LEU B 82 26.59 16.80 -7.19
CA LEU B 82 26.61 15.45 -7.74
C LEU B 82 27.61 15.36 -8.89
N GLN B 83 27.58 16.36 -9.77
CA GLN B 83 28.49 16.43 -10.92
C GLN B 83 29.95 16.49 -10.49
N VAL B 84 30.27 17.40 -9.57
CA VAL B 84 31.66 17.62 -9.17
C VAL B 84 32.26 16.39 -8.47
N ASP B 85 31.47 15.75 -7.60
CA ASP B 85 31.90 14.54 -6.91
C ASP B 85 32.18 13.38 -7.87
N CYS B 86 31.34 13.27 -8.90
CA CYS B 86 31.51 12.27 -9.96
C CYS B 86 32.79 12.49 -10.77
N GLU B 87 33.06 13.75 -11.12
CA GLU B 87 34.22 14.11 -11.93
C GLU B 87 35.53 13.90 -11.17
N MET B 88 35.48 14.08 -9.85
CA MET B 88 36.68 14.00 -9.01
C MET B 88 37.04 12.57 -8.62
N TYR B 89 36.04 11.76 -8.32
CA TYR B 89 36.27 10.43 -7.76
C TYR B 89 35.89 9.26 -8.66
N GLY B 90 35.16 9.54 -9.74
CA GLY B 90 34.76 8.52 -10.70
C GLY B 90 33.82 7.48 -10.12
N LEU B 91 33.85 6.27 -10.68
CA LEU B 91 32.99 5.18 -10.23
C LEU B 91 33.56 4.48 -9.00
N THR B 92 33.68 5.24 -7.91
CA THR B 92 34.21 4.73 -6.64
C THR B 92 33.17 3.90 -5.90
N ASN B 93 33.66 3.07 -4.98
CA ASN B 93 32.80 2.24 -4.13
C ASN B 93 32.79 2.69 -2.68
N ASP B 94 33.51 3.79 -2.41
CA ASP B 94 33.54 4.44 -1.11
C ASP B 94 32.10 4.68 -0.64
N HIS B 95 31.75 4.08 0.49
CA HIS B 95 30.39 4.11 1.01
C HIS B 95 29.86 5.53 1.20
N TYR B 96 30.71 6.41 1.73
CA TYR B 96 30.35 7.82 1.95
C TYR B 96 29.96 8.50 0.63
N SER B 97 30.71 8.22 -0.43
CA SER B 97 30.51 8.84 -1.73
C SER B 97 29.24 8.33 -2.42
N ILE B 98 29.04 7.02 -2.39
CA ILE B 98 27.83 6.41 -2.96
C ILE B 98 26.57 6.91 -2.25
N THR B 99 26.63 6.94 -0.92
CA THR B 99 25.53 7.45 -0.10
C THR B 99 25.22 8.92 -0.43
N LEU B 100 26.27 9.73 -0.57
CA LEU B 100 26.15 11.14 -0.93
C LEU B 100 25.48 11.33 -2.29
N ARG B 101 25.91 10.54 -3.27
CA ARG B 101 25.34 10.61 -4.62
C ARG B 101 23.89 10.13 -4.64
N ARG B 102 23.57 9.16 -3.80
CA ARG B 102 22.19 8.67 -3.68
C ARG B 102 21.26 9.76 -3.18
N TYR B 103 21.64 10.42 -2.09
CA TYR B 103 20.85 11.49 -1.50
C TYR B 103 20.70 12.69 -2.43
N ALA B 104 21.77 13.03 -3.15
CA ALA B 104 21.71 14.12 -4.13
C ALA B 104 20.71 13.79 -5.25
N GLY B 105 20.81 12.57 -5.77
CA GLY B 105 19.92 12.09 -6.83
C GLY B 105 18.46 11.95 -6.39
N MET B 106 18.26 11.55 -5.13
CA MET B 106 16.92 11.47 -4.56
C MET B 106 16.28 12.86 -4.40
N ALA B 107 17.10 13.83 -4.00
CA ALA B 107 16.64 15.22 -3.93
C ALA B 107 16.29 15.75 -5.31
N LEU B 108 17.12 15.42 -6.31
CA LEU B 108 16.86 15.82 -7.69
C LEU B 108 15.61 15.15 -8.26
N THR B 109 15.40 13.89 -7.91
CA THR B 109 14.17 13.17 -8.25
C THR B 109 12.95 13.92 -7.72
N ASN B 110 13.01 14.31 -6.44
CA ASN B 110 11.93 15.03 -5.78
C ASN B 110 11.69 16.41 -6.37
N LEU B 111 12.76 17.14 -6.67
CA LEU B 111 12.66 18.50 -7.19
C LEU B 111 12.22 18.56 -8.65
N THR B 112 12.48 17.51 -9.42
CA THR B 112 12.04 17.46 -10.82
C THR B 112 10.58 16.99 -10.95
N PHE B 113 10.10 16.23 -9.97
CA PHE B 113 8.72 15.72 -9.98
C PHE B 113 7.68 16.81 -10.24
N GLY B 114 7.04 16.73 -11.41
CA GLY B 114 6.00 17.67 -11.81
C GLY B 114 6.42 19.12 -11.94
N ASP B 115 7.71 19.37 -12.13
CA ASP B 115 8.23 20.74 -12.19
C ASP B 115 8.83 21.04 -13.56
N VAL B 116 8.11 21.82 -14.35
CA VAL B 116 8.51 22.16 -15.73
C VAL B 116 9.91 22.81 -15.77
N ALA B 117 10.10 23.87 -14.99
CA ALA B 117 11.36 24.61 -14.95
C ALA B 117 12.56 23.76 -14.51
N ASN B 118 12.38 22.94 -13.48
CA ASN B 118 13.46 22.13 -12.93
C ASN B 118 13.94 21.02 -13.86
N LYS B 119 13.01 20.41 -14.58
CA LYS B 119 13.35 19.42 -15.59
C LYS B 119 14.17 20.02 -16.72
N ALA B 120 13.74 21.20 -17.20
CA ALA B 120 14.42 21.90 -18.28
C ALA B 120 15.79 22.42 -17.83
N THR B 121 15.87 22.87 -16.59
CA THR B 121 17.12 23.33 -16.01
C THR B 121 18.13 22.19 -15.89
N LEU B 122 17.72 21.09 -15.26
CA LEU B 122 18.61 19.95 -15.05
C LEU B 122 19.14 19.37 -16.36
N CYS B 123 18.24 19.22 -17.35
CA CYS B 123 18.64 18.74 -18.67
C CYS B 123 19.65 19.65 -19.37
N SER B 124 19.50 20.97 -19.22
CA SER B 124 20.44 21.90 -19.83
C SER B 124 21.80 21.98 -19.10
N MET B 125 21.91 21.30 -17.96
CA MET B 125 23.19 21.17 -17.25
C MET B 125 23.92 19.94 -17.78
N LYS B 126 24.56 20.11 -18.94
CA LYS B 126 25.15 18.99 -19.70
C LYS B 126 26.15 18.14 -18.93
N GLY B 127 27.06 18.79 -18.21
CA GLY B 127 28.05 18.10 -17.38
C GLY B 127 27.44 17.18 -16.33
N CYS B 128 26.38 17.66 -15.68
CA CYS B 128 25.66 16.85 -14.70
C CYS B 128 24.93 15.68 -15.36
N MET B 129 24.38 15.91 -16.54
CA MET B 129 23.68 14.86 -17.29
C MET B 129 24.63 13.73 -17.70
N ARG B 130 25.85 14.08 -18.09
CA ARG B 130 26.89 13.10 -18.40
C ARG B 130 27.31 12.33 -17.16
N ALA B 131 27.40 13.03 -16.03
CA ALA B 131 27.74 12.41 -14.75
C ALA B 131 26.67 11.41 -14.33
N LEU B 132 25.41 11.82 -14.40
CA LEU B 132 24.27 10.96 -14.07
C LEU B 132 24.29 9.66 -14.87
N VAL B 133 24.33 9.79 -16.19
CA VAL B 133 24.36 8.65 -17.11
C VAL B 133 25.53 7.70 -16.82
N ALA B 134 26.70 8.25 -16.51
CA ALA B 134 27.89 7.45 -16.18
C ALA B 134 27.72 6.62 -14.91
N GLN B 135 26.87 7.09 -14.00
CA GLN B 135 26.62 6.39 -12.73
C GLN B 135 25.83 5.10 -12.89
N LEU B 136 25.27 4.86 -14.07
CA LEU B 136 24.55 3.63 -14.35
C LEU B 136 25.47 2.41 -14.44
N LYS B 137 26.77 2.67 -14.58
CA LYS B 137 27.78 1.61 -14.65
C LYS B 137 28.40 1.34 -13.27
N SER B 138 27.85 1.98 -12.24
CA SER B 138 28.25 1.75 -10.85
C SER B 138 27.82 0.37 -10.39
N GLU B 139 28.66 -0.31 -9.62
CA GLU B 139 28.27 -1.63 -9.09
C GLU B 139 27.31 -1.52 -7.90
N SER B 140 26.97 -0.30 -7.51
CA SER B 140 25.93 -0.03 -6.55
C SER B 140 24.58 0.10 -7.26
N GLU B 141 23.74 -0.92 -7.14
CA GLU B 141 22.42 -0.92 -7.78
C GLU B 141 21.46 0.05 -7.09
N ASP B 142 21.74 0.34 -5.83
CA ASP B 142 21.01 1.38 -5.08
C ASP B 142 21.18 2.73 -5.76
N LEU B 143 22.42 3.06 -6.15
CA LEU B 143 22.71 4.27 -6.91
C LEU B 143 22.11 4.22 -8.32
N GLN B 144 22.21 3.06 -8.97
CA GLN B 144 21.65 2.85 -10.31
C GLN B 144 20.16 3.15 -10.34
N GLN B 145 19.44 2.65 -9.32
CA GLN B 145 18.01 2.89 -9.14
C GLN B 145 17.70 4.38 -9.01
N VAL B 146 18.53 5.09 -8.25
CA VAL B 146 18.37 6.54 -8.04
C VAL B 146 18.56 7.32 -9.35
N ILE B 147 19.58 6.95 -10.12
CA ILE B 147 19.87 7.60 -11.41
C ILE B 147 18.72 7.40 -12.38
N ALA B 148 18.20 6.17 -12.43
CA ALA B 148 17.08 5.82 -13.29
C ALA B 148 15.81 6.59 -12.94
N SER B 149 15.59 6.84 -11.65
CA SER B 149 14.47 7.64 -11.16
C SER B 149 14.56 9.09 -11.61
N VAL B 150 15.77 9.65 -11.59
CA VAL B 150 16.02 11.01 -12.10
C VAL B 150 15.69 11.07 -13.59
N LEU B 151 16.26 10.13 -14.34
CA LEU B 151 16.06 10.08 -15.80
C LEU B 151 14.62 9.78 -16.20
N ARG B 152 13.91 9.05 -15.33
CA ARG B 152 12.47 8.83 -15.49
C ARG B 152 11.70 10.15 -15.50
N ASN B 153 11.89 10.95 -14.45
CA ASN B 153 11.26 12.27 -14.34
C ASN B 153 11.63 13.25 -15.46
N LEU B 154 12.90 13.25 -15.84
CA LEU B 154 13.38 14.16 -16.89
C LEU B 154 12.80 13.83 -18.27
N SER B 155 12.45 12.57 -18.49
CA SER B 155 11.90 12.14 -19.78
C SER B 155 10.37 12.16 -19.81
N TRP B 156 9.74 12.51 -18.69
CA TRP B 156 8.30 12.70 -18.62
C TRP B 156 7.93 14.12 -19.00
N ARG B 157 7.16 14.25 -20.08
CA ARG B 157 6.76 15.55 -20.64
C ARG B 157 7.97 16.45 -20.93
N ALA B 158 8.99 15.87 -21.54
CA ALA B 158 10.21 16.59 -21.88
C ALA B 158 10.01 17.52 -23.07
N ASP B 159 10.46 18.76 -22.95
CA ASP B 159 10.43 19.70 -24.06
C ASP B 159 11.45 19.33 -25.14
N VAL B 160 11.47 20.07 -26.25
CA VAL B 160 12.36 19.73 -27.37
C VAL B 160 13.84 19.68 -26.98
N ASN B 161 14.30 20.67 -26.24
CA ASN B 161 15.70 20.75 -25.81
C ASN B 161 16.10 19.60 -24.89
N SER B 162 15.18 19.21 -24.01
CA SER B 162 15.41 18.11 -23.08
C SER B 162 15.46 16.76 -23.79
N LYS B 163 14.56 16.55 -24.75
CA LYS B 163 14.57 15.34 -25.58
C LYS B 163 15.90 15.20 -26.31
N LYS B 164 16.36 16.32 -26.87
CA LYS B 164 17.62 16.38 -27.60
C LYS B 164 18.79 16.03 -26.69
N THR B 165 18.83 16.66 -25.52
CA THR B 165 19.90 16.43 -24.53
C THR B 165 19.96 14.97 -24.07
N LEU B 166 18.81 14.40 -23.74
CA LEU B 166 18.72 13.00 -23.32
C LEU B 166 19.26 12.02 -24.36
N ARG B 167 19.04 12.32 -25.64
CA ARG B 167 19.63 11.54 -26.73
C ARG B 167 21.14 11.72 -26.77
N GLU B 168 21.58 12.97 -26.71
CA GLU B 168 22.98 13.34 -26.87
C GLU B 168 23.91 12.73 -25.82
N VAL B 169 23.42 12.64 -24.58
CA VAL B 169 24.21 12.03 -23.50
C VAL B 169 24.16 10.50 -23.53
N GLY B 170 23.39 9.96 -24.47
CA GLY B 170 23.30 8.51 -24.69
C GLY B 170 22.58 7.76 -23.57
N SER B 171 21.55 8.39 -23.01
CA SER B 171 20.85 7.84 -21.85
C SER B 171 20.04 6.58 -22.15
N VAL B 172 19.54 6.47 -23.38
CA VAL B 172 18.70 5.35 -23.81
C VAL B 172 19.52 4.05 -23.86
N LYS B 173 20.63 4.11 -24.58
CA LYS B 173 21.56 2.99 -24.71
C LYS B 173 22.11 2.57 -23.35
N ALA B 174 22.50 3.56 -22.53
CA ALA B 174 23.04 3.31 -21.20
C ALA B 174 22.04 2.63 -20.25
N LEU B 175 20.78 3.05 -20.29
CA LEU B 175 19.74 2.43 -19.47
C LEU B 175 19.37 1.03 -19.93
N MET B 176 19.43 0.81 -21.25
CA MET B 176 19.12 -0.50 -21.82
C MET B 176 20.24 -1.49 -21.51
N GLU B 177 21.48 -1.03 -21.60
CA GLU B 177 22.64 -1.84 -21.21
C GLU B 177 22.61 -2.15 -19.71
N CYS B 178 22.24 -1.13 -18.93
CA CYS B 178 22.06 -1.26 -17.48
C CYS B 178 21.04 -2.33 -17.12
N ALA B 179 19.91 -2.32 -17.83
CA ALA B 179 18.81 -3.26 -17.62
C ALA B 179 19.22 -4.74 -17.76
N LEU B 180 20.15 -5.01 -18.68
CA LEU B 180 20.58 -6.38 -18.97
C LEU B 180 21.38 -7.03 -17.85
N GLU B 181 21.91 -6.20 -16.95
CA GLU B 181 22.81 -6.69 -15.90
C GLU B 181 22.33 -6.46 -14.46
N VAL B 182 21.19 -5.78 -14.28
CA VAL B 182 20.63 -5.60 -12.94
C VAL B 182 20.14 -6.92 -12.34
N LYS B 183 20.34 -7.08 -11.04
CA LYS B 183 19.95 -8.30 -10.34
C LYS B 183 18.70 -8.08 -9.49
N LYS B 184 18.52 -6.86 -9.01
CA LYS B 184 17.42 -6.51 -8.12
C LYS B 184 16.19 -6.02 -8.89
N GLU B 185 15.02 -6.51 -8.48
CA GLU B 185 13.75 -6.09 -9.05
C GLU B 185 13.52 -4.58 -8.94
N SER B 186 13.88 -4.02 -7.79
CA SER B 186 13.68 -2.59 -7.52
C SER B 186 14.44 -1.70 -8.50
N THR B 187 15.64 -2.12 -8.90
CA THR B 187 16.44 -1.38 -9.87
C THR B 187 15.82 -1.45 -11.25
N LEU B 188 15.36 -2.64 -11.63
CA LEU B 188 14.76 -2.87 -12.94
C LEU B 188 13.46 -2.06 -13.14
N LYS B 189 12.60 -1.98 -12.12
CA LYS B 189 11.41 -1.12 -12.19
C LYS B 189 11.78 0.29 -12.61
N SER B 190 12.73 0.86 -11.87
CA SER B 190 13.22 2.20 -12.10
C SER B 190 13.77 2.38 -13.51
N VAL B 191 14.64 1.44 -13.93
CA VAL B 191 15.30 1.51 -15.23
C VAL B 191 14.30 1.40 -16.38
N LEU B 192 13.37 0.45 -16.26
CA LEU B 192 12.35 0.23 -17.29
C LEU B 192 11.34 1.38 -17.36
N SER B 193 11.02 1.98 -16.22
CA SER B 193 10.14 3.15 -16.18
C SER B 193 10.71 4.32 -16.99
N ALA B 194 12.01 4.53 -16.85
CA ALA B 194 12.70 5.57 -17.60
C ALA B 194 12.71 5.25 -19.10
N LEU B 195 12.98 4.00 -19.44
CA LEU B 195 13.01 3.55 -20.84
C LEU B 195 11.63 3.63 -21.50
N TRP B 196 10.59 3.34 -20.72
CA TRP B 196 9.20 3.49 -21.17
C TRP B 196 8.95 4.92 -21.63
N ASN B 197 9.30 5.89 -20.79
CA ASN B 197 9.18 7.31 -21.14
C ASN B 197 10.02 7.66 -22.37
N LEU B 198 11.27 7.22 -22.39
CA LEU B 198 12.21 7.57 -23.47
C LEU B 198 11.87 6.94 -24.81
N SER B 199 11.28 5.74 -24.78
CA SER B 199 10.88 5.03 -26.01
C SER B 199 9.75 5.73 -26.77
N ALA B 200 9.02 6.61 -26.07
CA ALA B 200 7.91 7.34 -26.67
C ALA B 200 8.34 8.66 -27.33
N HIS B 201 9.58 9.07 -27.08
CA HIS B 201 10.08 10.38 -27.53
C HIS B 201 10.19 10.53 -29.04
N CYS B 202 10.83 9.56 -29.70
CA CYS B 202 11.15 9.64 -31.13
C CYS B 202 11.62 8.29 -31.67
N THR B 203 11.85 8.24 -32.98
CA THR B 203 12.22 7.02 -33.69
C THR B 203 13.62 6.53 -33.34
N GLU B 204 14.57 7.47 -33.19
CA GLU B 204 15.95 7.10 -32.89
C GLU B 204 16.12 6.49 -31.50
N ASN B 205 15.30 6.93 -30.55
CA ASN B 205 15.25 6.32 -29.22
C ASN B 205 14.81 4.87 -29.27
N LYS B 206 13.82 4.59 -30.11
CA LYS B 206 13.32 3.23 -30.32
C LYS B 206 14.39 2.37 -31.00
N ALA B 207 15.13 2.97 -31.94
CA ALA B 207 16.19 2.29 -32.66
C ALA B 207 17.35 1.93 -31.76
N ASP B 208 17.70 2.85 -30.85
CA ASP B 208 18.77 2.63 -29.89
C ASP B 208 18.47 1.45 -28.97
N ILE B 209 17.22 1.32 -28.54
CA ILE B 209 16.78 0.19 -27.73
C ILE B 209 16.95 -1.13 -28.49
N CYS B 210 16.46 -1.15 -29.74
CA CYS B 210 16.52 -2.34 -30.59
C CYS B 210 17.95 -2.71 -31.02
N ALA B 211 18.83 -1.71 -31.10
CA ALA B 211 20.22 -1.92 -31.52
C ALA B 211 21.10 -2.61 -30.48
N VAL B 212 20.73 -2.46 -29.21
CA VAL B 212 21.47 -3.10 -28.11
C VAL B 212 21.35 -4.63 -28.19
N ASP B 213 22.49 -5.30 -28.21
CA ASP B 213 22.55 -6.76 -28.35
C ASP B 213 21.84 -7.50 -27.21
N GLY B 214 20.84 -8.30 -27.58
CA GLY B 214 20.10 -9.11 -26.62
C GLY B 214 19.03 -8.35 -25.85
N ALA B 215 18.74 -7.12 -26.28
CA ALA B 215 17.78 -6.26 -25.58
C ALA B 215 16.33 -6.63 -25.88
N LEU B 216 16.05 -6.96 -27.14
CA LEU B 216 14.71 -7.36 -27.55
C LEU B 216 14.29 -8.70 -26.95
N ALA B 217 15.24 -9.62 -26.85
CA ALA B 217 15.03 -10.90 -26.18
C ALA B 217 14.79 -10.69 -24.68
N PHE B 218 15.49 -9.71 -24.11
CA PHE B 218 15.30 -9.35 -22.71
C PHE B 218 13.94 -8.71 -22.48
N LEU B 219 13.52 -7.82 -23.39
CA LEU B 219 12.21 -7.18 -23.30
C LEU B 219 11.06 -8.18 -23.40
N VAL B 220 11.18 -9.15 -24.30
CA VAL B 220 10.19 -10.23 -24.40
C VAL B 220 10.20 -11.09 -23.13
N GLY B 221 11.39 -11.24 -22.53
CA GLY B 221 11.54 -11.96 -21.27
C GLY B 221 10.75 -11.34 -20.13
N THR B 222 10.69 -10.01 -20.10
CA THR B 222 9.97 -9.27 -19.05
C THR B 222 8.47 -9.51 -19.11
N LEU B 223 7.97 -9.95 -20.26
CA LEU B 223 6.55 -10.22 -20.46
C LEU B 223 6.05 -11.39 -19.62
N THR B 224 6.96 -12.27 -19.22
CA THR B 224 6.66 -13.40 -18.35
C THR B 224 7.47 -13.33 -17.05
N TYR B 225 7.76 -12.11 -16.60
CA TYR B 225 8.53 -11.89 -15.37
C TYR B 225 7.78 -12.41 -14.15
N ARG B 226 8.48 -13.16 -13.31
CA ARG B 226 7.90 -13.74 -12.10
C ARG B 226 8.33 -12.92 -10.88
N SER B 227 7.54 -11.88 -10.58
CA SER B 227 7.84 -10.95 -9.49
C SER B 227 7.71 -11.60 -8.12
N GLN B 228 8.67 -11.28 -7.24
CA GLN B 228 8.68 -11.83 -5.88
C GLN B 228 7.88 -10.97 -4.90
N THR B 229 7.65 -9.71 -5.28
CA THR B 229 6.91 -8.77 -4.43
C THR B 229 5.45 -8.63 -4.87
N ASN B 230 4.96 -9.61 -5.61
CA ASN B 230 3.57 -9.66 -6.11
C ASN B 230 3.07 -8.34 -6.73
N THR B 231 3.85 -7.83 -7.68
CA THR B 231 3.51 -6.61 -8.41
C THR B 231 3.71 -6.84 -9.91
N LEU B 232 2.96 -6.10 -10.72
CA LEU B 232 2.97 -6.29 -12.17
C LEU B 232 3.79 -5.22 -12.89
N ALA B 233 4.55 -4.44 -12.11
CA ALA B 233 5.31 -3.29 -12.60
C ALA B 233 6.24 -3.58 -13.79
N ILE B 234 6.94 -4.72 -13.75
CA ILE B 234 7.89 -5.08 -14.81
C ILE B 234 7.23 -5.54 -16.10
N ILE B 235 6.19 -6.37 -16.00
CA ILE B 235 5.42 -6.77 -17.18
C ILE B 235 4.80 -5.56 -17.86
N GLU B 236 4.28 -4.62 -17.06
CA GLU B 236 3.70 -3.39 -17.57
C GLU B 236 4.73 -2.52 -18.29
N SER B 237 5.87 -2.30 -17.63
CA SER B 237 6.94 -1.45 -18.17
C SER B 237 7.60 -2.07 -19.39
N GLY B 238 8.01 -3.33 -19.25
CA GLY B 238 8.61 -4.08 -20.34
C GLY B 238 7.70 -4.16 -21.55
N GLY B 239 6.42 -4.45 -21.30
CA GLY B 239 5.41 -4.52 -22.35
C GLY B 239 5.11 -3.16 -22.96
N GLY B 240 5.29 -2.11 -22.17
CA GLY B 240 5.13 -0.74 -22.64
C GLY B 240 6.23 -0.36 -23.61
N ILE B 241 7.47 -0.61 -23.21
CA ILE B 241 8.63 -0.39 -24.07
C ILE B 241 8.49 -1.19 -25.36
N LEU B 242 8.08 -2.45 -25.24
CA LEU B 242 7.90 -3.31 -26.40
C LEU B 242 6.87 -2.74 -27.38
N ARG B 243 5.73 -2.33 -26.85
CA ARG B 243 4.68 -1.67 -27.64
C ARG B 243 5.24 -0.48 -28.40
N ASN B 244 5.99 0.36 -27.68
CA ASN B 244 6.54 1.59 -28.24
C ASN B 244 7.53 1.37 -29.38
N VAL B 245 8.30 0.28 -29.32
CA VAL B 245 9.33 0.01 -30.34
C VAL B 245 8.84 -0.93 -31.46
N SER B 246 7.66 -1.52 -31.26
CA SER B 246 7.12 -2.54 -32.18
C SER B 246 6.85 -1.98 -33.58
N SER B 247 6.65 -0.67 -33.67
CA SER B 247 6.51 0.01 -34.97
C SER B 247 7.77 -0.15 -35.82
N LEU B 248 8.94 -0.10 -35.18
CA LEU B 248 10.22 -0.35 -35.87
C LEU B 248 10.46 -1.83 -36.14
N ILE B 249 10.13 -2.67 -35.16
CA ILE B 249 10.27 -4.13 -35.29
C ILE B 249 9.46 -4.63 -36.50
N ALA B 250 8.26 -4.08 -36.68
CA ALA B 250 7.40 -4.42 -37.80
C ALA B 250 8.10 -4.36 -39.15
N THR B 251 9.04 -3.42 -39.28
CA THR B 251 9.79 -3.22 -40.53
C THR B 251 11.19 -3.85 -40.51
N ASN B 252 11.46 -4.64 -39.48
CA ASN B 252 12.76 -5.31 -39.33
C ASN B 252 12.59 -6.81 -39.13
N GLU B 253 12.94 -7.57 -40.17
CA GLU B 253 12.74 -9.02 -40.18
C GLU B 253 13.58 -9.77 -39.14
N ASP B 254 14.80 -9.29 -38.91
CA ASP B 254 15.69 -9.87 -37.91
C ASP B 254 15.14 -9.71 -36.50
N HIS B 255 14.63 -8.51 -36.19
CA HIS B 255 14.04 -8.21 -34.90
C HIS B 255 12.75 -8.98 -34.68
N ARG B 256 11.97 -9.13 -35.75
CA ARG B 256 10.75 -9.92 -35.73
C ARG B 256 11.07 -11.37 -35.40
N GLN B 257 12.18 -11.87 -35.94
CA GLN B 257 12.65 -13.24 -35.71
C GLN B 257 13.07 -13.47 -34.26
N ILE B 258 13.70 -12.46 -33.67
CA ILE B 258 14.06 -12.49 -32.24
C ILE B 258 12.81 -12.64 -31.38
N LEU B 259 11.71 -12.02 -31.81
CA LEU B 259 10.44 -12.12 -31.11
C LEU B 259 9.81 -13.52 -31.26
N ARG B 260 9.95 -14.11 -32.45
CA ARG B 260 9.43 -15.46 -32.72
C ARG B 260 10.17 -16.52 -31.90
N GLU B 261 11.49 -16.39 -31.83
CA GLU B 261 12.36 -17.31 -31.09
C GLU B 261 12.04 -17.33 -29.59
N ASN B 262 11.38 -16.27 -29.13
CA ASN B 262 11.04 -16.13 -27.72
C ASN B 262 9.53 -16.14 -27.44
N ASN B 263 8.77 -16.62 -28.42
CA ASN B 263 7.32 -16.82 -28.30
C ASN B 263 6.53 -15.57 -27.93
N CYS B 264 6.93 -14.43 -28.48
CA CYS B 264 6.36 -13.14 -28.14
C CYS B 264 4.85 -13.05 -28.39
N LEU B 265 4.43 -13.39 -29.61
CA LEU B 265 3.03 -13.31 -30.00
C LEU B 265 2.11 -14.18 -29.14
N GLN B 266 2.60 -15.36 -28.79
CA GLN B 266 1.87 -16.28 -27.91
C GLN B 266 1.64 -15.64 -26.53
N THR B 267 2.68 -15.03 -25.99
CA THR B 267 2.62 -14.37 -24.69
C THR B 267 1.69 -13.15 -24.72
N LEU B 268 1.76 -12.39 -25.81
CA LEU B 268 0.89 -11.23 -26.02
C LEU B 268 -0.59 -11.58 -26.02
N LEU B 269 -0.95 -12.74 -26.56
CA LEU B 269 -2.32 -13.21 -26.50
C LEU B 269 -2.75 -13.51 -25.06
N GLN B 270 -1.86 -14.13 -24.28
CA GLN B 270 -2.13 -14.39 -22.87
C GLN B 270 -2.31 -13.09 -22.10
N HIS B 271 -1.58 -12.06 -22.51
CA HIS B 271 -1.67 -10.71 -21.93
C HIS B 271 -3.04 -10.06 -22.13
N LEU B 272 -3.75 -10.46 -23.19
CA LEU B 272 -5.11 -9.96 -23.44
C LEU B 272 -6.08 -10.34 -22.34
N LYS B 273 -5.78 -11.43 -21.63
CA LYS B 273 -6.64 -11.95 -20.56
C LYS B 273 -6.30 -11.37 -19.17
N SER B 274 -5.27 -10.54 -19.11
CA SER B 274 -4.81 -9.96 -17.83
C SER B 274 -5.84 -9.06 -17.16
N HIS B 275 -5.80 -8.99 -15.84
CA HIS B 275 -6.68 -8.09 -15.08
C HIS B 275 -6.13 -6.67 -15.04
N SER B 276 -4.88 -6.51 -15.44
CA SER B 276 -4.26 -5.19 -15.59
C SER B 276 -4.60 -4.62 -16.95
N LEU B 277 -5.32 -3.51 -16.96
CA LEU B 277 -5.72 -2.85 -18.20
C LEU B 277 -4.53 -2.29 -18.98
N THR B 278 -3.47 -1.92 -18.26
CA THR B 278 -2.20 -1.51 -18.87
C THR B 278 -1.55 -2.64 -19.69
N ILE B 279 -1.53 -3.85 -19.13
CA ILE B 279 -0.99 -5.01 -19.82
C ILE B 279 -1.80 -5.34 -21.08
N VAL B 280 -3.12 -5.32 -20.95
CA VAL B 280 -4.03 -5.58 -22.08
C VAL B 280 -3.87 -4.52 -23.17
N SER B 281 -3.78 -3.26 -22.73
CA SER B 281 -3.62 -2.13 -23.66
C SER B 281 -2.27 -2.18 -24.40
N ASN B 282 -1.18 -2.43 -23.67
CA ASN B 282 0.13 -2.63 -24.28
C ASN B 282 0.14 -3.78 -25.29
N ALA B 283 -0.46 -4.90 -24.92
CA ALA B 283 -0.57 -6.07 -25.79
C ALA B 283 -1.34 -5.76 -27.07
N CYS B 284 -2.49 -5.10 -26.94
CA CYS B 284 -3.29 -4.67 -28.08
C CYS B 284 -2.48 -3.80 -29.04
N GLY B 285 -1.75 -2.84 -28.47
CA GLY B 285 -0.88 -1.95 -29.24
C GLY B 285 0.24 -2.66 -29.97
N THR B 286 0.89 -3.62 -29.30
CA THR B 286 1.97 -4.39 -29.92
C THR B 286 1.42 -5.30 -31.03
N LEU B 287 0.25 -5.90 -30.80
CA LEU B 287 -0.41 -6.75 -31.80
C LEU B 287 -0.86 -5.93 -33.01
N TRP B 288 -1.31 -4.70 -32.76
CA TRP B 288 -1.64 -3.72 -33.80
C TRP B 288 -0.47 -3.55 -34.77
N ASN B 289 0.70 -3.18 -34.23
CA ASN B 289 1.88 -2.90 -35.05
C ASN B 289 2.42 -4.12 -35.77
N LEU B 290 2.33 -5.29 -35.13
CA LEU B 290 2.95 -6.50 -35.66
C LEU B 290 2.08 -7.27 -36.65
N SER B 291 0.81 -6.90 -36.75
CA SER B 291 -0.14 -7.63 -37.60
C SER B 291 -0.45 -6.97 -38.95
N ALA B 292 0.25 -5.89 -39.26
CA ALA B 292 -0.04 -5.08 -40.46
C ALA B 292 0.28 -5.78 -41.79
N ARG B 293 1.55 -6.07 -42.04
CA ARG B 293 1.96 -6.60 -43.35
C ARG B 293 2.92 -7.79 -43.31
N ASN B 294 2.75 -8.67 -42.34
CA ASN B 294 3.59 -9.85 -42.23
C ASN B 294 2.77 -11.14 -42.25
N PRO B 295 2.68 -11.79 -43.42
CA PRO B 295 1.88 -13.02 -43.59
C PRO B 295 2.25 -14.12 -42.60
N LYS B 296 3.54 -14.27 -42.31
CA LYS B 296 4.01 -15.28 -41.36
C LYS B 296 3.39 -15.09 -39.97
N ASP B 297 3.45 -13.86 -39.46
CA ASP B 297 2.89 -13.55 -38.15
C ASP B 297 1.37 -13.46 -38.15
N GLN B 298 0.81 -13.01 -39.27
CA GLN B 298 -0.65 -12.98 -39.45
C GLN B 298 -1.24 -14.39 -39.36
N GLU B 299 -0.64 -15.35 -40.07
CA GLU B 299 -1.07 -16.74 -40.02
C GLU B 299 -0.83 -17.39 -38.65
N ALA B 300 0.30 -17.04 -38.02
CA ALA B 300 0.62 -17.50 -36.69
C ALA B 300 -0.43 -17.06 -35.67
N LEU B 301 -0.89 -15.81 -35.81
CA LEU B 301 -1.93 -15.27 -34.94
C LEU B 301 -3.29 -15.94 -35.13
N TRP B 302 -3.63 -16.25 -36.38
CA TRP B 302 -4.85 -16.97 -36.71
C TRP B 302 -4.88 -18.36 -36.06
N ASP B 303 -3.76 -19.08 -36.17
CA ASP B 303 -3.60 -20.42 -35.61
C ASP B 303 -3.70 -20.45 -34.09
N MET B 304 -3.29 -19.35 -33.46
CA MET B 304 -3.32 -19.22 -32.01
C MET B 304 -4.69 -18.78 -31.49
N GLY B 305 -5.61 -18.49 -32.41
CA GLY B 305 -6.97 -18.08 -32.06
C GLY B 305 -7.08 -16.63 -31.62
N ALA B 306 -6.28 -15.76 -32.25
CA ALA B 306 -6.27 -14.33 -31.90
C ALA B 306 -7.55 -13.61 -32.27
N VAL B 307 -8.17 -14.03 -33.37
CA VAL B 307 -9.39 -13.40 -33.89
C VAL B 307 -10.49 -13.39 -32.84
N SER B 308 -10.76 -14.57 -32.27
CA SER B 308 -11.77 -14.74 -31.24
C SER B 308 -11.46 -13.94 -29.98
N MET B 309 -10.19 -13.95 -29.59
CA MET B 309 -9.71 -13.26 -28.39
C MET B 309 -9.81 -11.73 -28.52
N LEU B 310 -9.47 -11.22 -29.70
CA LEU B 310 -9.56 -9.78 -29.97
C LEU B 310 -11.00 -9.30 -30.11
N LYS B 311 -11.87 -10.17 -30.62
CA LYS B 311 -13.30 -9.89 -30.75
C LYS B 311 -13.99 -9.56 -29.41
N ASN B 312 -13.50 -10.16 -28.33
CA ASN B 312 -14.02 -9.90 -27.00
C ASN B 312 -13.70 -8.51 -26.47
N LEU B 313 -12.70 -7.87 -27.07
CA LEU B 313 -12.18 -6.59 -26.59
C LEU B 313 -12.63 -5.36 -27.36
N ILE B 314 -13.18 -5.54 -28.55
CA ILE B 314 -13.54 -4.41 -29.44
C ILE B 314 -14.69 -3.54 -28.91
N HIS B 315 -15.52 -4.11 -28.03
CA HIS B 315 -16.64 -3.38 -27.44
C HIS B 315 -16.32 -2.85 -26.04
N SER B 316 -15.05 -2.89 -25.66
CA SER B 316 -14.61 -2.42 -24.35
C SER B 316 -14.86 -0.93 -24.15
N LYS B 317 -15.23 -0.57 -22.93
CA LYS B 317 -15.44 0.82 -22.53
C LYS B 317 -14.11 1.56 -22.35
N HIS B 318 -13.01 0.81 -22.40
CA HIS B 318 -11.68 1.39 -22.34
C HIS B 318 -11.16 1.67 -23.75
N LYS B 319 -10.91 2.95 -24.02
CA LYS B 319 -10.68 3.46 -25.37
C LYS B 319 -9.53 2.79 -26.10
N MET B 320 -8.35 2.82 -25.49
CA MET B 320 -7.14 2.28 -26.12
C MET B 320 -7.19 0.77 -26.35
N ILE B 321 -7.92 0.07 -25.48
CA ILE B 321 -8.13 -1.37 -25.65
C ILE B 321 -9.10 -1.62 -26.82
N ALA B 322 -10.21 -0.89 -26.84
CA ALA B 322 -11.19 -0.99 -27.92
C ALA B 322 -10.59 -0.59 -29.28
N MET B 323 -9.77 0.44 -29.29
CA MET B 323 -9.13 0.92 -30.52
C MET B 323 -8.05 -0.06 -31.01
N GLY B 324 -7.18 -0.48 -30.10
CA GLY B 324 -6.05 -1.37 -30.42
C GLY B 324 -6.47 -2.75 -30.87
N SER B 325 -7.45 -3.34 -30.18
CA SER B 325 -7.94 -4.67 -30.53
C SER B 325 -8.69 -4.65 -31.87
N ALA B 326 -9.45 -3.58 -32.11
CA ALA B 326 -10.19 -3.43 -33.36
C ALA B 326 -9.24 -3.29 -34.55
N ALA B 327 -8.14 -2.58 -34.34
CA ALA B 327 -7.13 -2.36 -35.38
C ALA B 327 -6.40 -3.65 -35.74
N ALA B 328 -6.05 -4.44 -34.73
CA ALA B 328 -5.40 -5.73 -34.93
C ALA B 328 -6.35 -6.76 -35.55
N LEU B 329 -7.62 -6.73 -35.12
CA LEU B 329 -8.64 -7.62 -35.66
C LEU B 329 -8.85 -7.35 -37.14
N ARG B 330 -8.95 -6.07 -37.50
CA ARG B 330 -9.09 -5.64 -38.89
C ARG B 330 -7.93 -6.11 -39.77
N ASN B 331 -6.72 -6.01 -39.25
CA ASN B 331 -5.53 -6.51 -39.93
C ASN B 331 -5.60 -8.02 -40.22
N LEU B 332 -6.09 -8.77 -39.24
CA LEU B 332 -6.23 -10.22 -39.38
C LEU B 332 -7.42 -10.60 -40.25
N MET B 333 -8.50 -9.81 -40.17
CA MET B 333 -9.70 -10.04 -40.98
C MET B 333 -9.45 -9.77 -42.46
N ALA B 334 -8.59 -8.80 -42.75
CA ALA B 334 -8.26 -8.44 -44.13
C ALA B 334 -7.26 -9.40 -44.77
N ASN B 335 -6.57 -10.19 -43.95
CA ASN B 335 -5.55 -11.12 -44.43
C ASN B 335 -5.82 -12.55 -43.99
N ARG B 336 -7.04 -13.01 -44.22
CA ARG B 336 -7.45 -14.38 -43.93
C ARG B 336 -6.55 -15.37 -44.68
N PRO B 337 -5.98 -16.36 -43.94
CA PRO B 337 -5.16 -17.41 -44.54
C PRO B 337 -5.98 -18.25 -45.53
N ALA B 338 -5.30 -18.84 -46.50
CA ALA B 338 -5.93 -19.64 -47.55
C ALA B 338 -6.72 -20.85 -47.02
N LYS B 339 -6.45 -21.25 -45.78
CA LYS B 339 -7.13 -22.40 -45.19
C LYS B 339 -8.35 -22.05 -44.33
N TYR B 340 -8.37 -20.83 -43.79
CA TYR B 340 -9.48 -20.39 -42.94
C TYR B 340 -10.57 -19.69 -43.74
N HIS C 6 -2.11 0.55 -8.18
CA HIS C 6 -3.37 0.43 -7.37
C HIS C 6 -3.67 -1.01 -6.97
N HIS C 7 -3.28 -1.95 -7.82
CA HIS C 7 -3.42 -3.38 -7.52
C HIS C 7 -2.46 -3.82 -6.42
N HIS C 8 -1.26 -3.25 -6.41
CA HIS C 8 -0.24 -3.57 -5.42
C HIS C 8 -0.63 -3.10 -4.01
N MET C 9 -1.29 -1.95 -3.93
CA MET C 9 -1.80 -1.43 -2.66
C MET C 9 -2.84 -2.37 -2.07
N LEU C 10 -3.79 -2.78 -2.91
CA LEU C 10 -4.84 -3.69 -2.52
C LEU C 10 -4.29 -4.95 -1.85
N HIS C 11 -3.29 -5.56 -2.50
CA HIS C 11 -2.63 -6.76 -1.98
C HIS C 11 -2.04 -6.54 -0.59
N LEU C 12 -1.22 -5.50 -0.45
CA LEU C 12 -0.55 -5.17 0.82
C LEU C 12 -1.57 -4.87 1.92
N LEU C 13 -2.65 -4.19 1.55
CA LEU C 13 -3.67 -3.76 2.49
C LEU C 13 -4.53 -4.94 2.96
N GLU C 14 -4.77 -5.89 2.06
CA GLU C 14 -5.46 -7.13 2.40
C GLU C 14 -4.56 -8.06 3.21
N GLN C 15 -3.26 -8.01 2.92
CA GLN C 15 -2.24 -8.79 3.62
C GLN C 15 -2.16 -8.42 5.10
N ILE C 16 -2.33 -7.12 5.38
CA ILE C 16 -2.29 -6.60 6.75
C ILE C 16 -3.57 -6.94 7.54
N ARG C 17 -4.71 -6.90 6.86
CA ARG C 17 -5.99 -7.29 7.47
C ARG C 17 -6.03 -8.78 7.78
N ALA C 18 -5.40 -9.59 6.93
CA ALA C 18 -5.31 -11.03 7.13
C ALA C 18 -4.53 -11.39 8.39
N TYR C 19 -3.50 -10.61 8.69
CA TYR C 19 -2.72 -10.77 9.91
C TYR C 19 -3.50 -10.28 11.12
N CYS C 20 -4.16 -9.14 10.98
CA CYS C 20 -4.97 -8.56 12.06
C CYS C 20 -6.13 -9.46 12.48
N GLU C 21 -6.79 -10.08 11.51
CA GLU C 21 -7.90 -11.01 11.78
C GLU C 21 -7.44 -12.25 12.53
N THR C 22 -6.21 -12.68 12.26
CA THR C 22 -5.57 -13.80 12.97
C THR C 22 -5.26 -13.40 14.42
N CYS C 23 -4.99 -12.10 14.62
CA CYS C 23 -4.65 -11.58 15.94
C CYS C 23 -5.90 -11.35 16.82
N TRP C 24 -6.99 -10.89 16.20
CA TRP C 24 -8.24 -10.60 16.93
C TRP C 24 -8.93 -11.87 17.45
N GLU C 25 -8.92 -12.92 16.64
CA GLU C 25 -9.51 -14.20 17.04
C GLU C 25 -8.68 -14.88 18.14
N TRP C 26 -7.37 -14.61 18.12
CA TRP C 26 -6.45 -15.07 19.16
C TRP C 26 -6.75 -14.37 20.49
N GLN C 27 -7.09 -13.09 20.41
CA GLN C 27 -7.50 -12.31 21.58
C GLN C 27 -8.87 -12.74 22.09
N GLU C 28 -9.76 -13.08 21.16
CA GLU C 28 -11.09 -13.58 21.48
C GLU C 28 -11.06 -14.98 22.11
N ALA C 29 -10.20 -15.85 21.59
CA ALA C 29 -10.02 -17.19 22.12
C ALA C 29 -8.84 -17.24 23.07
N HIS C 30 -8.99 -16.56 24.21
CA HIS C 30 -7.97 -16.49 25.28
C HIS C 30 -6.64 -15.94 24.77
N ALA C 43 3.02 -14.33 15.65
CA ALA C 43 4.27 -13.62 15.45
C ALA C 43 4.28 -12.87 14.11
N PRO C 44 4.67 -11.58 14.13
CA PRO C 44 4.69 -10.75 12.91
C PRO C 44 5.80 -11.14 11.93
N VAL C 45 6.88 -11.72 12.45
CA VAL C 45 8.05 -12.13 11.66
C VAL C 45 7.69 -13.20 10.62
N GLU C 46 6.94 -14.22 11.06
CA GLU C 46 6.55 -15.35 10.21
C GLU C 46 5.53 -14.98 9.13
N HIS C 47 4.89 -13.82 9.29
CA HIS C 47 3.83 -13.38 8.39
C HIS C 47 4.35 -12.34 7.40
N GLN C 48 5.64 -11.98 7.54
CA GLN C 48 6.30 -11.00 6.68
C GLN C 48 5.52 -9.69 6.60
N ILE C 49 5.08 -9.20 7.76
CA ILE C 49 4.15 -8.09 7.83
C ILE C 49 4.84 -6.71 7.89
N CYS C 50 6.10 -6.69 8.31
CA CYS C 50 6.90 -5.47 8.38
C CYS C 50 7.28 -4.91 6.99
N PRO C 51 7.65 -5.79 6.04
CA PRO C 51 7.88 -5.31 4.66
C PRO C 51 6.61 -4.72 4.02
N ALA C 52 5.45 -5.20 4.45
CA ALA C 52 4.17 -4.71 3.94
C ALA C 52 3.90 -3.25 4.33
N VAL C 53 4.03 -2.93 5.62
CA VAL C 53 3.88 -1.54 6.10
C VAL C 53 5.02 -0.64 5.62
N CYS C 54 6.19 -1.23 5.43
CA CYS C 54 7.36 -0.52 4.93
C CYS C 54 7.07 0.11 3.56
N VAL C 55 6.49 -0.68 2.66
CA VAL C 55 6.14 -0.18 1.33
C VAL C 55 5.03 0.87 1.41
N LEU C 56 4.00 0.60 2.22
CA LEU C 56 2.89 1.53 2.42
C LEU C 56 3.34 2.84 3.07
N MET C 57 4.35 2.76 3.92
CA MET C 57 4.96 3.95 4.51
C MET C 57 5.62 4.80 3.42
N LYS C 58 6.36 4.14 2.53
CA LYS C 58 7.03 4.80 1.41
C LYS C 58 6.02 5.46 0.47
N LEU C 59 5.01 4.68 0.05
CA LEU C 59 3.99 5.17 -0.88
C LEU C 59 3.19 6.35 -0.32
N SER C 60 2.98 6.34 1.00
CA SER C 60 2.20 7.38 1.66
C SER C 60 2.84 8.78 1.63
N PHE C 61 4.06 8.88 1.13
CA PHE C 61 4.72 10.18 0.98
C PHE C 61 4.22 10.93 -0.26
N ASP C 62 3.69 10.18 -1.24
CA ASP C 62 3.11 10.77 -2.45
C ASP C 62 1.63 11.09 -2.28
N GLU C 63 1.21 12.25 -2.78
CA GLU C 63 -0.16 12.73 -2.63
C GLU C 63 -1.19 11.83 -3.31
N GLU C 64 -0.88 11.39 -4.54
CA GLU C 64 -1.79 10.56 -5.33
C GLU C 64 -1.93 9.14 -4.76
N HIS C 65 -0.85 8.64 -4.16
CA HIS C 65 -0.88 7.34 -3.49
C HIS C 65 -1.72 7.39 -2.21
N ARG C 66 -1.69 8.53 -1.52
CA ARG C 66 -2.53 8.75 -0.34
C ARG C 66 -4.02 8.74 -0.71
N HIS C 67 -4.37 9.36 -1.83
CA HIS C 67 -5.74 9.37 -2.32
C HIS C 67 -6.27 7.96 -2.53
N ALA C 68 -5.47 7.11 -3.19
CA ALA C 68 -5.84 5.72 -3.42
C ALA C 68 -5.94 4.94 -2.11
N MET C 69 -4.99 5.17 -1.21
CA MET C 69 -5.01 4.56 0.12
C MET C 69 -6.25 4.94 0.92
N ASN C 70 -6.70 6.18 0.78
CA ASN C 70 -7.90 6.67 1.45
C ASN C 70 -9.18 6.06 0.89
N GLU C 71 -9.15 5.70 -0.39
CA GLU C 71 -10.28 5.04 -1.05
C GLU C 71 -10.35 3.57 -0.66
N LEU C 72 -9.21 3.02 -0.25
CA LEU C 72 -9.11 1.62 0.16
C LEU C 72 -9.11 1.48 1.68
N GLY C 73 -9.31 2.58 2.38
CA GLY C 73 -9.37 2.59 3.85
C GLY C 73 -8.05 2.22 4.51
N GLY C 74 -6.95 2.67 3.92
CA GLY C 74 -5.61 2.37 4.41
C GLY C 74 -5.34 2.83 5.83
N LEU C 75 -5.95 3.95 6.21
CA LEU C 75 -5.79 4.49 7.55
C LEU C 75 -6.29 3.51 8.62
N GLN C 76 -7.50 2.98 8.42
CA GLN C 76 -8.11 2.04 9.35
C GLN C 76 -7.25 0.80 9.54
N ALA C 77 -6.81 0.20 8.43
CA ALA C 77 -6.04 -1.04 8.43
C ALA C 77 -4.69 -0.90 9.15
N ILE C 78 -3.96 0.16 8.82
CA ILE C 78 -2.63 0.40 9.39
C ILE C 78 -2.72 0.72 10.89
N ALA C 79 -3.68 1.55 11.27
CA ALA C 79 -3.89 1.91 12.67
C ALA C 79 -4.21 0.70 13.53
N GLU C 80 -5.01 -0.22 12.97
CA GLU C 80 -5.41 -1.43 13.67
C GLU C 80 -4.28 -2.44 13.77
N LEU C 81 -3.33 -2.38 12.82
CA LEU C 81 -2.12 -3.19 12.89
C LEU C 81 -1.22 -2.72 14.03
N LEU C 82 -1.03 -1.41 14.13
CA LEU C 82 -0.27 -0.80 15.22
C LEU C 82 -0.94 -1.08 16.56
N GLN C 83 -2.28 -0.97 16.59
CA GLN C 83 -3.05 -1.18 17.82
C GLN C 83 -2.90 -2.60 18.35
N VAL C 84 -3.19 -3.59 17.49
CA VAL C 84 -3.20 -4.99 17.92
C VAL C 84 -1.81 -5.51 18.30
N ASP C 85 -0.77 -5.04 17.61
CA ASP C 85 0.60 -5.44 17.92
C ASP C 85 1.05 -4.91 19.28
N CYS C 86 0.66 -3.66 19.59
CA CYS C 86 0.93 -3.05 20.89
C CYS C 86 0.14 -3.74 22.01
N GLU C 87 -1.03 -4.25 21.67
CA GLU C 87 -1.86 -5.00 22.62
C GLU C 87 -1.27 -6.39 22.90
N MET C 88 -0.63 -6.97 21.88
CA MET C 88 -0.05 -8.30 21.98
C MET C 88 1.26 -8.34 22.76
N TYR C 89 2.19 -7.46 22.38
CA TYR C 89 3.57 -7.52 22.89
C TYR C 89 3.94 -6.40 23.87
N GLY C 90 3.18 -5.30 23.83
CA GLY C 90 3.43 -4.15 24.71
C GLY C 90 4.77 -3.47 24.44
N LEU C 91 5.37 -2.94 25.51
CA LEU C 91 6.72 -2.37 25.44
C LEU C 91 7.72 -3.51 25.24
N THR C 92 7.92 -3.88 23.98
CA THR C 92 8.56 -5.15 23.62
C THR C 92 10.08 -5.09 23.46
N ASN C 93 10.59 -3.98 22.93
CA ASN C 93 12.04 -3.73 22.79
C ASN C 93 12.77 -4.52 21.69
N ASP C 94 12.15 -5.57 21.14
CA ASP C 94 12.76 -6.32 20.03
C ASP C 94 12.77 -5.48 18.75
N HIS C 95 13.81 -5.65 17.95
CA HIS C 95 14.07 -4.80 16.79
C HIS C 95 12.96 -4.84 15.72
N TYR C 96 12.35 -6.01 15.54
CA TYR C 96 11.31 -6.19 14.52
C TYR C 96 10.04 -5.42 14.84
N SER C 97 9.52 -5.60 16.05
CA SER C 97 8.25 -5.00 16.46
C SER C 97 8.28 -3.48 16.54
N ILE C 98 9.44 -2.93 16.93
CA ILE C 98 9.64 -1.48 16.97
C ILE C 98 9.69 -0.90 15.56
N THR C 99 10.43 -1.56 14.68
CA THR C 99 10.52 -1.20 13.27
C THR C 99 9.13 -1.21 12.62
N LEU C 100 8.36 -2.26 12.89
CA LEU C 100 6.98 -2.41 12.42
C LEU C 100 6.10 -1.25 12.87
N ARG C 101 6.19 -0.93 14.17
CA ARG C 101 5.39 0.16 14.76
C ARG C 101 5.79 1.54 14.22
N ARG C 102 7.08 1.72 13.92
CA ARG C 102 7.58 2.96 13.34
C ARG C 102 7.00 3.21 11.95
N TYR C 103 7.04 2.18 11.10
CA TYR C 103 6.50 2.29 9.74
C TYR C 103 5.00 2.58 9.76
N ALA C 104 4.28 1.89 10.66
CA ALA C 104 2.85 2.06 10.80
C ALA C 104 2.51 3.50 11.19
N GLY C 105 3.21 4.02 12.20
CA GLY C 105 3.03 5.40 12.65
C GLY C 105 3.43 6.43 11.61
N MET C 106 4.52 6.17 10.89
CA MET C 106 4.99 7.05 9.82
C MET C 106 3.96 7.17 8.69
N ALA C 107 3.31 6.07 8.36
CA ALA C 107 2.23 6.07 7.37
C ALA C 107 1.01 6.82 7.90
N LEU C 108 0.68 6.62 9.18
CA LEU C 108 -0.42 7.33 9.83
C LEU C 108 -0.16 8.84 9.87
N THR C 109 1.07 9.22 10.17
CA THR C 109 1.51 10.62 10.10
C THR C 109 1.23 11.20 8.71
N ASN C 110 1.68 10.49 7.68
CA ASN C 110 1.47 10.91 6.29
C ASN C 110 -0.02 11.00 5.90
N LEU C 111 -0.82 10.03 6.35
CA LEU C 111 -2.23 9.97 5.99
C LEU C 111 -3.11 10.99 6.72
N THR C 112 -2.65 11.44 7.89
CA THR C 112 -3.36 12.48 8.64
C THR C 112 -2.94 13.90 8.24
N PHE C 113 -1.85 14.01 7.49
CA PHE C 113 -1.34 15.31 7.03
C PHE C 113 -2.32 16.01 6.09
N GLY C 114 -2.81 17.18 6.54
CA GLY C 114 -3.76 17.97 5.75
C GLY C 114 -5.09 17.31 5.41
N ASP C 115 -5.43 16.25 6.14
CA ASP C 115 -6.66 15.50 5.89
C ASP C 115 -7.59 15.57 7.09
N VAL C 116 -8.61 16.42 6.99
CA VAL C 116 -9.60 16.63 8.05
C VAL C 116 -10.28 15.31 8.46
N ALA C 117 -10.78 14.58 7.47
CA ALA C 117 -11.51 13.33 7.71
C ALA C 117 -10.66 12.26 8.39
N ASN C 118 -9.40 12.13 7.97
CA ASN C 118 -8.48 11.15 8.56
C ASN C 118 -8.06 11.46 10.00
N LYS C 119 -7.91 12.75 10.32
CA LYS C 119 -7.64 13.18 11.70
C LYS C 119 -8.80 12.78 12.62
N ALA C 120 -10.02 13.09 12.19
CA ALA C 120 -11.23 12.77 12.95
C ALA C 120 -11.44 11.27 13.12
N THR C 121 -11.13 10.50 12.07
CA THR C 121 -11.30 9.05 12.08
C THR C 121 -10.33 8.36 13.06
N LEU C 122 -9.06 8.71 12.98
CA LEU C 122 -8.04 8.10 13.85
C LEU C 122 -8.26 8.42 15.33
N CYS C 123 -8.70 9.65 15.62
CA CYS C 123 -9.02 10.05 16.99
C CYS C 123 -10.23 9.30 17.58
N SER C 124 -11.17 8.91 16.72
CA SER C 124 -12.35 8.16 17.16
C SER C 124 -12.03 6.68 17.45
N MET C 125 -10.92 6.20 16.87
CA MET C 125 -10.41 4.86 17.15
C MET C 125 -9.68 4.86 18.49
N LYS C 126 -10.46 4.79 19.57
CA LYS C 126 -9.96 5.01 20.93
C LYS C 126 -8.95 3.97 21.41
N GLY C 127 -9.17 2.71 21.03
CA GLY C 127 -8.24 1.63 21.33
C GLY C 127 -6.85 1.86 20.74
N CYS C 128 -6.82 2.41 19.52
CA CYS C 128 -5.55 2.74 18.87
C CYS C 128 -4.91 3.98 19.48
N MET C 129 -5.72 5.00 19.76
CA MET C 129 -5.26 6.21 20.44
C MET C 129 -4.60 5.88 21.77
N ARG C 130 -5.21 4.97 22.53
CA ARG C 130 -4.66 4.50 23.81
C ARG C 130 -3.35 3.74 23.62
N ALA C 131 -3.25 3.00 22.52
CA ALA C 131 -2.03 2.27 22.17
C ALA C 131 -0.90 3.23 21.76
N LEU C 132 -1.26 4.27 21.02
CA LEU C 132 -0.32 5.32 20.60
C LEU C 132 0.34 5.99 21.82
N VAL C 133 -0.51 6.51 22.70
CA VAL C 133 -0.06 7.21 23.91
C VAL C 133 0.88 6.36 24.77
N ALA C 134 0.54 5.09 24.94
CA ALA C 134 1.36 4.16 25.74
C ALA C 134 2.78 4.01 25.21
N GLN C 135 2.93 4.08 23.88
CA GLN C 135 4.23 3.89 23.22
C GLN C 135 5.23 5.02 23.47
N LEU C 136 4.78 6.09 24.11
CA LEU C 136 5.66 7.19 24.52
C LEU C 136 6.54 6.80 25.69
N LYS C 137 6.30 5.60 26.23
CA LYS C 137 7.08 5.04 27.34
C LYS C 137 8.16 4.07 26.86
N SER C 138 8.15 3.77 25.56
CA SER C 138 9.16 2.91 24.94
C SER C 138 10.54 3.51 25.05
N GLU C 139 11.54 2.69 25.32
CA GLU C 139 12.93 3.16 25.41
C GLU C 139 13.57 3.35 24.03
N SER C 140 12.81 3.07 22.99
CA SER C 140 13.18 3.42 21.63
C SER C 140 12.71 4.84 21.34
N GLU C 141 13.67 5.78 21.30
CA GLU C 141 13.37 7.19 21.04
C GLU C 141 12.98 7.44 19.59
N ASP C 142 13.38 6.52 18.71
CA ASP C 142 12.96 6.54 17.32
C ASP C 142 11.44 6.32 17.22
N LEU C 143 10.92 5.42 18.06
CA LEU C 143 9.48 5.16 18.12
C LEU C 143 8.72 6.32 18.75
N GLN C 144 9.29 6.88 19.82
CA GLN C 144 8.70 8.03 20.50
C GLN C 144 8.53 9.21 19.54
N GLN C 145 9.54 9.43 18.69
CA GLN C 145 9.53 10.48 17.69
C GLN C 145 8.40 10.28 16.68
N VAL C 146 8.18 9.03 16.28
CA VAL C 146 7.12 8.67 15.34
C VAL C 146 5.74 8.91 15.95
N ILE C 147 5.53 8.42 17.16
CA ILE C 147 4.26 8.57 17.88
C ILE C 147 3.90 10.04 18.08
N ALA C 148 4.87 10.84 18.53
CA ALA C 148 4.67 12.27 18.73
C ALA C 148 4.29 13.00 17.43
N SER C 149 4.86 12.57 16.30
CA SER C 149 4.53 13.12 14.99
C SER C 149 3.06 12.90 14.63
N VAL C 150 2.54 11.71 14.95
CA VAL C 150 1.13 11.38 14.73
C VAL C 150 0.23 12.30 15.56
N LEU C 151 0.56 12.43 16.84
CA LEU C 151 -0.23 13.26 17.76
C LEU C 151 -0.14 14.75 17.43
N ARG C 152 0.97 15.16 16.81
CA ARG C 152 1.12 16.52 16.31
C ARG C 152 0.11 16.83 15.20
N ASN C 153 -0.02 15.92 14.23
CA ASN C 153 -0.98 16.09 13.14
C ASN C 153 -2.43 16.02 13.62
N LEU C 154 -2.70 15.11 14.55
CA LEU C 154 -4.04 14.93 15.09
C LEU C 154 -4.51 16.14 15.89
N SER C 155 -3.58 16.80 16.56
CA SER C 155 -3.90 17.98 17.36
C SER C 155 -3.85 19.29 16.58
N TRP C 156 -3.42 19.24 15.32
CA TRP C 156 -3.46 20.42 14.46
C TRP C 156 -4.85 20.62 13.88
N ARG C 157 -5.45 21.77 14.19
CA ARG C 157 -6.80 22.14 13.76
C ARG C 157 -7.82 21.03 14.09
N ALA C 158 -7.72 20.49 15.29
CA ALA C 158 -8.61 19.41 15.74
C ALA C 158 -10.03 19.93 15.96
N ASP C 159 -11.01 19.13 15.55
CA ASP C 159 -12.41 19.45 15.80
C ASP C 159 -12.77 19.16 17.26
N VAL C 160 -14.00 19.48 17.65
CA VAL C 160 -14.42 19.35 19.04
C VAL C 160 -14.28 17.91 19.59
N ASN C 161 -14.62 16.92 18.76
CA ASN C 161 -14.55 15.52 19.15
C ASN C 161 -13.11 15.00 19.30
N SER C 162 -12.22 15.46 18.43
CA SER C 162 -10.81 15.10 18.49
C SER C 162 -10.11 15.79 19.67
N LYS C 163 -10.42 17.06 19.88
CA LYS C 163 -9.90 17.81 21.03
C LYS C 163 -10.20 17.10 22.35
N LYS C 164 -11.46 16.68 22.50
CA LYS C 164 -11.91 15.97 23.71
C LYS C 164 -11.18 14.63 23.87
N THR C 165 -11.11 13.86 22.79
CA THR C 165 -10.47 12.54 22.81
C THR C 165 -8.98 12.59 23.18
N LEU C 166 -8.23 13.47 22.52
CA LEU C 166 -6.81 13.68 22.82
C LEU C 166 -6.60 14.00 24.29
N ARG C 167 -7.59 14.66 24.90
CA ARG C 167 -7.56 14.97 26.33
C ARG C 167 -7.94 13.73 27.16
N GLU C 168 -8.96 12.98 26.72
CA GLU C 168 -9.43 11.79 27.44
C GLU C 168 -8.35 10.72 27.60
N VAL C 169 -7.53 10.56 26.57
CA VAL C 169 -6.47 9.54 26.57
C VAL C 169 -5.18 10.00 27.26
N GLY C 170 -5.20 11.24 27.76
CA GLY C 170 -4.08 11.79 28.52
C GLY C 170 -2.80 12.02 27.72
N SER C 171 -2.96 12.45 26.47
CA SER C 171 -1.82 12.66 25.58
C SER C 171 -0.93 13.82 26.04
N VAL C 172 -1.56 14.85 26.60
CA VAL C 172 -0.86 16.07 27.01
C VAL C 172 0.17 15.80 28.12
N LYS C 173 -0.28 15.15 29.19
CA LYS C 173 0.59 14.76 30.30
C LYS C 173 1.67 13.78 29.86
N ALA C 174 1.28 12.77 29.08
CA ALA C 174 2.20 11.73 28.62
C ALA C 174 3.32 12.28 27.73
N LEU C 175 3.01 13.29 26.92
CA LEU C 175 4.01 13.93 26.06
C LEU C 175 4.96 14.80 26.87
N MET C 176 4.42 15.51 27.86
CA MET C 176 5.24 16.38 28.72
C MET C 176 6.18 15.55 29.60
N GLU C 177 5.67 14.44 30.11
CA GLU C 177 6.50 13.47 30.85
C GLU C 177 7.59 12.90 29.94
N CYS C 178 7.21 12.51 28.74
CA CYS C 178 8.14 12.01 27.73
C CYS C 178 9.25 13.01 27.45
N ALA C 179 8.88 14.28 27.30
CA ALA C 179 9.81 15.37 26.99
C ALA C 179 10.97 15.51 27.99
N LEU C 180 10.69 15.23 29.26
CA LEU C 180 11.69 15.36 30.32
C LEU C 180 12.68 14.20 30.30
N GLU C 181 12.36 13.17 29.53
CA GLU C 181 13.12 11.92 29.53
C GLU C 181 13.93 11.71 28.26
N VAL C 182 13.54 12.37 27.18
CA VAL C 182 14.22 12.22 25.89
C VAL C 182 15.65 12.77 25.91
N LYS C 183 16.55 12.09 25.20
CA LYS C 183 17.95 12.48 25.12
C LYS C 183 18.30 13.07 23.76
N LYS C 184 17.71 12.51 22.69
CA LYS C 184 17.98 12.95 21.33
C LYS C 184 17.20 14.21 20.96
N GLU C 185 17.87 15.13 20.27
CA GLU C 185 17.26 16.39 19.82
C GLU C 185 16.06 16.18 18.89
N SER C 186 16.17 15.19 18.01
CA SER C 186 15.13 14.90 17.01
C SER C 186 13.84 14.40 17.65
N THR C 187 13.96 13.63 18.73
CA THR C 187 12.81 13.14 19.48
C THR C 187 12.08 14.30 20.16
N LEU C 188 12.85 15.23 20.73
CA LEU C 188 12.29 16.40 21.41
C LEU C 188 11.52 17.32 20.46
N LYS C 189 11.98 17.43 19.21
CA LYS C 189 11.30 18.24 18.19
C LYS C 189 9.87 17.80 17.97
N SER C 190 9.67 16.49 17.77
CA SER C 190 8.35 15.91 17.58
C SER C 190 7.44 16.13 18.80
N VAL C 191 7.98 15.82 19.98
CA VAL C 191 7.24 15.93 21.24
C VAL C 191 6.76 17.36 21.50
N LEU C 192 7.68 18.32 21.39
CA LEU C 192 7.36 19.72 21.65
C LEU C 192 6.39 20.32 20.62
N SER C 193 6.50 19.87 19.37
CA SER C 193 5.57 20.29 18.32
C SER C 193 4.15 19.83 18.63
N ALA C 194 4.01 18.57 19.06
CA ALA C 194 2.72 18.03 19.47
C ALA C 194 2.13 18.85 20.62
N LEU C 195 2.94 19.10 21.64
CA LEU C 195 2.53 19.88 22.80
C LEU C 195 2.21 21.33 22.44
N TRP C 196 2.94 21.89 21.47
CA TRP C 196 2.66 23.24 20.97
C TRP C 196 1.21 23.33 20.48
N ASN C 197 0.81 22.41 19.61
CA ASN C 197 -0.57 22.31 19.16
C ASN C 197 -1.57 22.09 20.29
N LEU C 198 -1.30 21.10 21.15
CA LEU C 198 -2.19 20.73 22.24
C LEU C 198 -2.40 21.84 23.28
N SER C 199 -1.35 22.63 23.50
CA SER C 199 -1.38 23.71 24.50
C SER C 199 -2.31 24.86 24.14
N ALA C 200 -2.74 24.92 22.88
CA ALA C 200 -3.63 25.98 22.41
C ALA C 200 -5.11 25.57 22.40
N HIS C 201 -5.36 24.29 22.65
CA HIS C 201 -6.70 23.71 22.55
C HIS C 201 -7.69 24.29 23.56
N CYS C 202 -7.29 24.25 24.83
CA CYS C 202 -8.14 24.69 25.93
C CYS C 202 -7.31 24.99 27.18
N THR C 203 -7.98 25.51 28.21
CA THR C 203 -7.31 25.88 29.45
C THR C 203 -6.86 24.64 30.24
N GLU C 204 -7.66 23.58 30.23
CA GLU C 204 -7.32 22.35 30.96
C GLU C 204 -6.09 21.62 30.42
N ASN C 205 -5.84 21.76 29.11
CA ASN C 205 -4.60 21.27 28.52
C ASN C 205 -3.39 22.05 29.02
N LYS C 206 -3.56 23.37 29.15
CA LYS C 206 -2.52 24.25 29.69
C LYS C 206 -2.23 23.91 31.15
N ALA C 207 -3.30 23.61 31.90
CA ALA C 207 -3.19 23.23 33.30
C ALA C 207 -2.47 21.89 33.48
N ASP C 208 -2.74 20.95 32.57
CA ASP C 208 -2.09 19.63 32.60
C ASP C 208 -0.58 19.73 32.38
N ILE C 209 -0.16 20.64 31.51
CA ILE C 209 1.25 20.89 31.23
C ILE C 209 1.94 21.49 32.46
N CYS C 210 1.32 22.52 33.03
CA CYS C 210 1.86 23.22 34.19
C CYS C 210 1.91 22.34 35.46
N ALA C 211 1.04 21.33 35.51
CA ALA C 211 0.91 20.45 36.68
C ALA C 211 1.96 19.33 36.75
N VAL C 212 2.68 19.12 35.65
CA VAL C 212 3.74 18.10 35.62
C VAL C 212 4.99 18.65 36.32
N ASP C 213 5.54 17.86 37.23
CA ASP C 213 6.67 18.26 38.06
C ASP C 213 7.91 18.60 37.24
N GLY C 214 8.31 19.87 37.28
CA GLY C 214 9.50 20.34 36.57
C GLY C 214 9.28 20.73 35.13
N ALA C 215 8.03 20.66 34.67
CA ALA C 215 7.68 20.97 33.28
C ALA C 215 7.90 22.42 32.92
N LEU C 216 7.54 23.33 33.82
CA LEU C 216 7.71 24.76 33.59
C LEU C 216 9.18 25.16 33.58
N ALA C 217 9.96 24.55 34.48
CA ALA C 217 11.41 24.74 34.52
C ALA C 217 12.06 24.24 33.23
N PHE C 218 11.54 23.15 32.70
CA PHE C 218 12.04 22.55 31.45
C PHE C 218 11.72 23.41 30.23
N LEU C 219 10.51 23.96 30.19
CA LEU C 219 10.07 24.82 29.08
C LEU C 219 10.87 26.12 29.02
N VAL C 220 11.16 26.71 30.17
CA VAL C 220 12.01 27.89 30.25
C VAL C 220 13.44 27.53 29.82
N GLY C 221 13.86 26.31 30.16
CA GLY C 221 15.16 25.78 29.72
C GLY C 221 15.33 25.74 28.21
N THR C 222 14.27 25.38 27.48
CA THR C 222 14.31 25.28 26.02
C THR C 222 14.46 26.64 25.32
N LEU C 223 14.31 27.72 26.07
CA LEU C 223 14.42 29.07 25.51
C LEU C 223 15.88 29.42 25.19
N THR C 224 16.80 28.77 25.90
CA THR C 224 18.24 28.98 25.69
C THR C 224 18.93 27.67 25.29
N TYR C 225 18.16 26.79 24.67
CA TYR C 225 18.64 25.52 24.13
C TYR C 225 19.66 25.76 23.02
N ARG C 226 20.68 24.89 22.95
CA ARG C 226 21.72 25.01 21.93
C ARG C 226 21.83 23.75 21.06
N SER C 227 21.30 23.85 19.84
CA SER C 227 21.27 22.75 18.88
C SER C 227 22.64 22.39 18.35
N GLN C 228 22.83 21.09 18.13
CA GLN C 228 24.02 20.57 17.46
C GLN C 228 23.80 20.64 15.94
N THR C 229 22.53 20.66 15.53
CA THR C 229 22.14 20.77 14.13
C THR C 229 22.06 22.24 13.69
N ASN C 230 22.31 23.15 14.63
CA ASN C 230 22.15 24.59 14.40
C ASN C 230 20.76 24.96 13.86
N THR C 231 19.74 24.46 14.55
CA THR C 231 18.35 24.81 14.24
C THR C 231 17.75 25.59 15.42
N LEU C 232 16.59 26.18 15.19
CA LEU C 232 15.89 26.95 16.23
C LEU C 232 14.56 26.28 16.59
N ALA C 233 14.41 25.03 16.15
CA ALA C 233 13.15 24.29 16.28
C ALA C 233 12.67 24.08 17.73
N ILE C 234 13.61 23.79 18.64
CA ILE C 234 13.29 23.59 20.05
C ILE C 234 12.94 24.90 20.74
N ILE C 235 13.73 25.95 20.48
CA ILE C 235 13.48 27.28 21.02
C ILE C 235 12.10 27.80 20.56
N GLU C 236 11.77 27.57 19.28
CA GLU C 236 10.49 27.98 18.73
C GLU C 236 9.33 27.22 19.37
N SER C 237 9.45 25.89 19.45
CA SER C 237 8.41 25.02 20.00
C SER C 237 8.21 25.22 21.50
N GLY C 238 9.31 25.20 22.25
CA GLY C 238 9.27 25.41 23.70
C GLY C 238 8.70 26.77 24.06
N GLY C 239 9.16 27.80 23.36
CA GLY C 239 8.64 29.15 23.51
C GLY C 239 7.19 29.24 23.10
N GLY C 240 6.81 28.41 22.12
CA GLY C 240 5.43 28.32 21.65
C GLY C 240 4.49 27.76 22.71
N ILE C 241 4.90 26.65 23.32
CA ILE C 241 4.13 26.03 24.40
C ILE C 241 4.01 27.00 25.57
N LEU C 242 5.13 27.63 25.92
CA LEU C 242 5.17 28.61 27.01
C LEU C 242 4.26 29.81 26.73
N ARG C 243 4.28 30.30 25.49
CA ARG C 243 3.38 31.39 25.06
C ARG C 243 1.91 31.03 25.30
N ASN C 244 1.53 29.80 24.96
CA ASN C 244 0.17 29.33 25.14
C ASN C 244 -0.22 29.17 26.62
N VAL C 245 0.63 28.51 27.40
CA VAL C 245 0.32 28.22 28.81
C VAL C 245 0.49 29.41 29.74
N SER C 246 1.18 30.45 29.27
CA SER C 246 1.45 31.65 30.07
C SER C 246 0.19 32.41 30.46
N SER C 247 -0.88 32.23 29.68
CA SER C 247 -2.18 32.81 30.02
C SER C 247 -2.68 32.26 31.37
N LEU C 248 -2.35 31.01 31.64
CA LEU C 248 -2.67 30.37 32.91
C LEU C 248 -1.64 30.74 33.99
N ILE C 249 -0.37 30.83 33.60
CA ILE C 249 0.71 31.22 34.52
C ILE C 249 0.51 32.64 35.07
N ALA C 250 -0.07 33.51 34.23
CA ALA C 250 -0.33 34.91 34.57
C ALA C 250 -1.10 35.09 35.88
N THR C 251 -1.97 34.14 36.21
CA THR C 251 -2.79 34.21 37.42
C THR C 251 -2.31 33.24 38.51
N ASN C 252 -1.13 32.65 38.32
CA ASN C 252 -0.56 31.71 39.28
C ASN C 252 0.80 32.19 39.79
N GLU C 253 0.85 32.52 41.08
CA GLU C 253 2.06 33.07 41.70
C GLU C 253 3.18 32.05 41.85
N ASP C 254 2.84 30.81 42.22
CA ASP C 254 3.81 29.73 42.36
C ASP C 254 4.47 29.41 41.01
N HIS C 255 3.67 29.47 39.95
CA HIS C 255 4.14 29.21 38.60
C HIS C 255 5.00 30.35 38.05
N ARG C 256 4.60 31.58 38.36
CA ARG C 256 5.37 32.78 38.02
C ARG C 256 6.75 32.76 38.67
N GLN C 257 6.81 32.30 39.92
CA GLN C 257 8.05 32.21 40.69
C GLN C 257 9.05 31.22 40.09
N ILE C 258 8.54 30.09 39.57
CA ILE C 258 9.37 29.10 38.88
C ILE C 258 10.06 29.73 37.67
N LEU C 259 9.32 30.56 36.94
CA LEU C 259 9.86 31.33 35.82
C LEU C 259 10.90 32.37 36.27
N ARG C 260 10.67 32.99 37.41
CA ARG C 260 11.62 33.96 37.98
C ARG C 260 12.93 33.27 38.38
N GLU C 261 12.82 32.05 38.90
CA GLU C 261 13.96 31.25 39.30
C GLU C 261 14.80 30.75 38.12
N ASN C 262 14.29 30.95 36.90
CA ASN C 262 14.98 30.53 35.69
C ASN C 262 15.20 31.67 34.69
N ASN C 263 15.13 32.90 35.19
CA ASN C 263 15.41 34.13 34.42
C ASN C 263 14.58 34.26 33.14
N CYS C 264 13.31 33.87 33.24
CA CYS C 264 12.44 33.77 32.06
C CYS C 264 12.17 35.11 31.38
N LEU C 265 11.83 36.12 32.18
CA LEU C 265 11.53 37.45 31.64
C LEU C 265 12.74 38.06 30.91
N GLN C 266 13.93 37.90 31.49
CA GLN C 266 15.18 38.35 30.87
C GLN C 266 15.40 37.70 29.51
N THR C 267 15.19 36.39 29.46
CA THR C 267 15.39 35.60 28.25
C THR C 267 14.42 36.02 27.14
N LEU C 268 13.17 36.26 27.51
CA LEU C 268 12.15 36.71 26.56
C LEU C 268 12.49 38.05 25.93
N LEU C 269 13.18 38.91 26.69
CA LEU C 269 13.67 40.18 26.16
C LEU C 269 14.78 39.98 25.13
N GLN C 270 15.64 38.99 25.36
CA GLN C 270 16.67 38.61 24.40
C GLN C 270 16.07 38.02 23.12
N HIS C 271 14.95 37.33 23.30
CA HIS C 271 14.19 36.72 22.20
C HIS C 271 13.59 37.76 21.23
N LEU C 272 13.41 38.99 21.72
CA LEU C 272 12.91 40.08 20.88
C LEU C 272 13.94 40.54 19.83
N LYS C 273 15.19 40.12 20.00
CA LYS C 273 16.28 40.49 19.09
C LYS C 273 16.54 39.43 18.01
N SER C 274 15.83 38.29 18.12
CA SER C 274 16.04 37.15 17.23
C SER C 274 15.62 37.40 15.78
N HIS C 275 16.32 36.75 14.85
CA HIS C 275 15.98 36.81 13.43
C HIS C 275 14.78 35.95 13.07
N SER C 276 14.51 34.94 13.90
CA SER C 276 13.33 34.10 13.72
C SER C 276 12.08 34.86 14.17
N LEU C 277 11.21 35.15 13.22
CA LEU C 277 9.96 35.86 13.48
C LEU C 277 9.05 35.09 14.44
N THR C 278 9.14 33.76 14.40
CA THR C 278 8.39 32.89 15.31
C THR C 278 8.82 33.10 16.76
N ILE C 279 10.12 33.24 16.98
CA ILE C 279 10.67 33.46 18.33
C ILE C 279 10.19 34.79 18.91
N VAL C 280 10.30 35.86 18.12
CA VAL C 280 9.87 37.19 18.53
C VAL C 280 8.37 37.20 18.83
N SER C 281 7.59 36.62 17.93
CA SER C 281 6.15 36.51 18.06
C SER C 281 5.73 35.74 19.32
N ASN C 282 6.43 34.64 19.61
CA ASN C 282 6.21 33.87 20.84
C ASN C 282 6.54 34.67 22.09
N ALA C 283 7.66 35.39 22.06
CA ALA C 283 8.10 36.22 23.19
C ALA C 283 7.12 37.36 23.45
N CYS C 284 6.66 38.00 22.39
CA CYS C 284 5.67 39.07 22.46
C CYS C 284 4.35 38.58 23.04
N GLY C 285 3.95 37.36 22.68
CA GLY C 285 2.73 36.75 23.21
C GLY C 285 2.87 36.35 24.67
N THR C 286 4.06 35.90 25.06
CA THR C 286 4.32 35.49 26.43
C THR C 286 4.33 36.70 27.37
N LEU C 287 4.97 37.78 26.92
CA LEU C 287 5.00 39.03 27.67
C LEU C 287 3.62 39.68 27.75
N TRP C 288 2.85 39.53 26.67
CA TRP C 288 1.45 39.94 26.62
C TRP C 288 0.70 39.42 27.86
N ASN C 289 0.77 38.10 28.08
CA ASN C 289 0.10 37.47 29.20
C ASN C 289 0.69 37.85 30.56
N LEU C 290 2.02 37.89 30.64
CA LEU C 290 2.74 38.09 31.89
C LEU C 290 2.82 39.55 32.35
N SER C 291 2.60 40.48 31.42
CA SER C 291 2.62 41.92 31.73
C SER C 291 1.35 42.39 32.44
N ALA C 292 0.43 41.46 32.67
CA ALA C 292 -0.82 41.77 33.36
C ALA C 292 -0.94 41.03 34.69
N ARG C 293 -1.63 41.66 35.65
CA ARG C 293 -2.03 41.08 36.94
C ARG C 293 -0.89 40.66 37.89
N ASN C 294 0.30 41.24 37.69
CA ASN C 294 1.41 41.03 38.62
C ASN C 294 2.36 42.23 38.70
N PRO C 295 2.24 43.03 39.78
CA PRO C 295 3.10 44.21 40.00
C PRO C 295 4.61 43.91 40.01
N LYS C 296 5.02 42.80 40.62
CA LYS C 296 6.43 42.43 40.68
C LYS C 296 7.04 42.19 39.30
N ASP C 297 6.36 41.37 38.49
CA ASP C 297 6.81 41.10 37.13
C ASP C 297 6.68 42.32 36.22
N GLN C 298 5.66 43.15 36.47
CA GLN C 298 5.50 44.42 35.77
C GLN C 298 6.67 45.37 36.08
N GLU C 299 7.04 45.44 37.35
CA GLU C 299 8.17 46.26 37.79
C GLU C 299 9.49 45.73 37.23
N ALA C 300 9.62 44.41 37.17
CA ALA C 300 10.82 43.76 36.66
C ALA C 300 11.08 44.06 35.19
N LEU C 301 10.00 44.06 34.39
CA LEU C 301 10.08 44.37 32.97
C LEU C 301 10.45 45.83 32.71
N TRP C 302 9.93 46.72 33.54
CA TRP C 302 10.31 48.14 33.51
C TRP C 302 11.81 48.32 33.79
N ASP C 303 12.31 47.63 34.83
CA ASP C 303 13.72 47.69 35.22
C ASP C 303 14.66 47.20 34.12
N MET C 304 14.19 46.23 33.34
CA MET C 304 14.98 45.60 32.28
C MET C 304 14.88 46.33 30.93
N GLY C 305 14.03 47.35 30.87
CA GLY C 305 13.88 48.16 29.67
C GLY C 305 13.00 47.53 28.61
N ALA C 306 11.89 46.94 29.04
CA ALA C 306 10.95 46.28 28.14
C ALA C 306 10.14 47.28 27.32
N VAL C 307 9.83 48.43 27.91
CA VAL C 307 9.03 49.47 27.25
C VAL C 307 9.63 49.89 25.91
N SER C 308 10.91 50.26 25.93
CA SER C 308 11.62 50.72 24.72
C SER C 308 11.68 49.65 23.64
N MET C 309 11.94 48.42 24.07
CA MET C 309 12.08 47.28 23.17
C MET C 309 10.76 46.91 22.51
N LEU C 310 9.67 46.95 23.29
CA LEU C 310 8.34 46.67 22.77
C LEU C 310 7.84 47.81 21.89
N LYS C 311 8.21 49.04 22.23
CA LYS C 311 7.86 50.23 21.45
C LYS C 311 8.54 50.19 20.07
N ASN C 312 9.58 49.38 19.96
CA ASN C 312 10.32 49.21 18.72
C ASN C 312 9.68 48.18 17.79
N LEU C 313 8.79 47.35 18.36
CA LEU C 313 8.17 46.25 17.63
C LEU C 313 6.70 46.48 17.23
N ILE C 314 6.09 47.55 17.76
CA ILE C 314 4.68 47.85 17.47
C ILE C 314 4.43 48.26 16.02
N HIS C 315 5.48 48.73 15.34
CA HIS C 315 5.39 49.11 13.94
C HIS C 315 5.84 47.98 12.98
N SER C 316 5.94 46.76 13.50
CA SER C 316 6.36 45.61 12.70
C SER C 316 5.34 45.27 11.63
N LYS C 317 5.84 44.83 10.47
CA LYS C 317 4.98 44.42 9.37
C LYS C 317 4.41 43.03 9.63
N HIS C 318 5.03 42.30 10.57
CA HIS C 318 4.53 41.02 11.03
C HIS C 318 3.38 41.26 12.01
N LYS C 319 2.20 40.75 11.67
CA LYS C 319 0.96 41.08 12.37
C LYS C 319 0.88 40.58 13.81
N MET C 320 1.45 39.41 14.07
CA MET C 320 1.42 38.81 15.42
C MET C 320 2.41 39.49 16.36
N ILE C 321 3.55 39.93 15.83
CA ILE C 321 4.51 40.73 16.60
C ILE C 321 3.91 42.09 16.93
N ALA C 322 3.31 42.75 15.92
CA ALA C 322 2.68 44.05 16.10
C ALA C 322 1.55 44.02 17.15
N MET C 323 0.75 42.96 17.12
CA MET C 323 -0.34 42.77 18.10
C MET C 323 0.20 42.41 19.48
N GLY C 324 1.13 41.46 19.52
CA GLY C 324 1.71 40.98 20.77
C GLY C 324 2.46 42.06 21.54
N SER C 325 3.29 42.83 20.82
CA SER C 325 4.08 43.89 21.44
C SER C 325 3.22 45.07 21.90
N ALA C 326 2.19 45.41 21.12
CA ALA C 326 1.30 46.53 21.44
C ALA C 326 0.46 46.26 22.69
N ALA C 327 0.02 45.02 22.84
CA ALA C 327 -0.77 44.61 24.01
C ALA C 327 0.07 44.53 25.29
N ALA C 328 1.32 44.08 25.16
CA ALA C 328 2.26 44.07 26.27
C ALA C 328 2.66 45.49 26.67
N LEU C 329 2.85 46.35 25.68
CA LEU C 329 3.25 47.73 25.90
C LEU C 329 2.21 48.50 26.72
N ARG C 330 0.93 48.35 26.35
CA ARG C 330 -0.13 49.08 27.03
C ARG C 330 -0.33 48.60 28.47
N ASN C 331 -0.13 47.30 28.70
CA ASN C 331 -0.17 46.72 30.04
C ASN C 331 0.90 47.32 30.95
N LEU C 332 2.10 47.52 30.40
CA LEU C 332 3.20 48.15 31.12
C LEU C 332 2.98 49.65 31.31
N MET C 333 2.46 50.32 30.28
CA MET C 333 2.20 51.77 30.33
C MET C 333 1.07 52.13 31.29
N ALA C 334 0.06 51.24 31.39
CA ALA C 334 -1.07 51.44 32.31
C ALA C 334 -0.72 51.06 33.75
N ASN C 335 0.41 50.37 33.93
CA ASN C 335 0.86 49.95 35.25
C ASN C 335 2.30 50.39 35.53
N ARG C 336 2.52 51.70 35.39
CA ARG C 336 3.82 52.32 35.65
C ARG C 336 4.14 52.24 37.14
N PRO C 337 5.33 51.70 37.49
CA PRO C 337 5.79 51.67 38.88
C PRO C 337 6.10 53.08 39.38
N ALA C 338 5.70 53.37 40.62
CA ALA C 338 5.80 54.71 41.21
C ALA C 338 7.15 55.41 41.00
N LYS C 339 8.23 54.64 40.96
CA LYS C 339 9.58 55.20 40.79
C LYS C 339 9.83 55.77 39.39
N TYR C 340 9.00 55.39 38.43
CA TYR C 340 9.08 55.90 37.06
C TYR C 340 8.01 56.96 36.82
N GLY D 11 -16.21 -14.63 5.23
CA GLY D 11 -15.87 -15.80 4.37
C GLY D 11 -16.87 -16.95 4.49
N GLY D 12 -16.69 -17.96 3.65
CA GLY D 12 -17.57 -19.13 3.64
C GLY D 12 -17.35 -20.09 4.79
N GLY D 13 -16.23 -19.92 5.49
CA GLY D 13 -15.90 -20.75 6.64
C GLY D 13 -15.55 -22.18 6.26
N GLU D 14 -15.49 -23.04 7.28
CA GLU D 14 -15.28 -24.46 7.09
C GLU D 14 -16.44 -25.21 7.74
N GLN D 15 -16.65 -26.45 7.30
CA GLN D 15 -17.77 -27.26 7.77
C GLN D 15 -17.48 -28.75 7.62
N LEU D 16 -18.03 -29.55 8.52
CA LEU D 16 -18.10 -30.99 8.33
C LEU D 16 -19.01 -31.31 7.13
N ALA D 17 -19.02 -32.58 6.71
CA ALA D 17 -19.82 -33.01 5.56
C ALA D 17 -21.30 -33.20 5.90
N ILE D 18 -21.79 -32.43 6.86
CA ILE D 18 -23.17 -32.55 7.35
C ILE D 18 -24.26 -32.25 6.32
N ASN D 19 -24.00 -31.30 5.42
CA ASN D 19 -24.96 -30.97 4.36
C ASN D 19 -25.04 -32.01 3.25
N GLU D 20 -24.07 -32.93 3.21
CA GLU D 20 -23.97 -33.92 2.15
C GLU D 20 -24.56 -35.26 2.59
N LEU D 21 -25.01 -35.33 3.84
CA LEU D 21 -25.70 -36.49 4.36
C LEU D 21 -27.03 -36.69 3.64
N ILE D 22 -27.33 -37.94 3.30
CA ILE D 22 -28.52 -38.26 2.50
C ILE D 22 -29.81 -38.09 3.31
N SER D 23 -30.78 -37.41 2.71
CA SER D 23 -32.11 -37.26 3.28
C SER D 23 -33.00 -38.42 2.85
N GLY E 11 3.06 6.04 -20.72
CA GLY E 11 4.50 5.86 -20.38
C GLY E 11 4.73 5.49 -18.92
N GLY E 12 5.99 5.57 -18.49
CA GLY E 12 6.37 5.23 -17.12
C GLY E 12 6.03 6.31 -16.11
N GLY E 13 5.55 7.46 -16.59
CA GLY E 13 5.18 8.56 -15.73
C GLY E 13 6.33 9.15 -14.95
N GLU E 14 6.01 9.97 -13.96
CA GLU E 14 7.00 10.58 -13.08
C GLU E 14 6.68 10.23 -11.64
N GLN E 15 7.70 10.25 -10.78
CA GLN E 15 7.54 9.84 -9.40
C GLN E 15 8.53 10.54 -8.49
N LEU E 16 8.10 10.81 -7.25
CA LEU E 16 9.00 11.21 -6.18
C LEU E 16 9.94 10.03 -5.86
N ALA E 17 10.96 10.27 -5.05
CA ALA E 17 11.97 9.26 -4.72
C ALA E 17 11.51 8.23 -3.68
N ILE E 18 10.20 7.99 -3.63
CA ILE E 18 9.60 7.13 -2.60
C ILE E 18 10.13 5.69 -2.58
N ASN E 19 10.43 5.13 -3.75
CA ASN E 19 10.96 3.77 -3.85
C ASN E 19 12.43 3.66 -3.44
N GLU E 20 13.11 4.79 -3.37
CA GLU E 20 14.54 4.83 -3.02
C GLU E 20 14.76 5.08 -1.53
N LEU E 21 13.67 5.21 -0.78
CA LEU E 21 13.72 5.31 0.68
C LEU E 21 14.19 3.99 1.28
N ILE E 22 15.05 4.08 2.29
CA ILE E 22 15.64 2.90 2.93
C ILE E 22 14.57 2.06 3.61
N SER E 23 14.60 0.75 3.32
CA SER E 23 13.70 -0.21 3.93
C SER E 23 14.30 -0.80 5.19
N GLY F 11 0.80 27.56 16.65
CA GLY F 11 1.00 26.10 16.90
C GLY F 11 2.21 25.52 16.19
N GLY F 12 2.45 24.23 16.39
CA GLY F 12 3.54 23.51 15.74
C GLY F 12 3.24 23.07 14.32
N GLY F 13 2.00 23.28 13.89
CA GLY F 13 1.57 22.89 12.56
C GLY F 13 1.46 21.39 12.37
N GLU F 14 1.42 20.99 11.11
CA GLU F 14 1.39 19.58 10.74
C GLU F 14 2.53 19.31 9.76
N GLN F 15 2.90 18.05 9.62
CA GLN F 15 4.05 17.67 8.80
C GLN F 15 3.95 16.21 8.39
N LEU F 16 4.45 15.91 7.18
CA LEU F 16 4.68 14.52 6.76
C LEU F 16 5.77 13.90 7.62
N ALA F 17 5.92 12.57 7.56
CA ALA F 17 6.91 11.86 8.37
C ALA F 17 8.34 12.00 7.84
N ILE F 18 8.68 13.18 7.35
CA ILE F 18 9.98 13.43 6.70
C ILE F 18 11.18 13.38 7.65
N ASN F 19 10.98 13.83 8.88
CA ASN F 19 12.03 13.78 9.90
C ASN F 19 12.31 12.36 10.41
N GLU F 20 11.35 11.46 10.19
CA GLU F 20 11.46 10.08 10.67
C GLU F 20 12.08 9.14 9.64
N LEU F 21 12.52 9.70 8.51
CA LEU F 21 13.20 8.95 7.47
C LEU F 21 14.62 8.56 7.89
N ILE F 22 15.02 7.35 7.54
CA ILE F 22 16.34 6.81 7.92
C ILE F 22 17.48 7.56 7.23
N SER F 23 18.41 8.05 8.04
CA SER F 23 19.58 8.80 7.55
C SER F 23 20.69 7.87 7.08
#